data_8WKU
#
_entry.id   8WKU
#
_cell.length_a   127.501
_cell.length_b   127.501
_cell.length_c   245.633
_cell.angle_alpha   90.000
_cell.angle_beta   90.000
_cell.angle_gamma   120.000
#
_symmetry.space_group_name_H-M   'P 32 2 1'
#
loop_
_entity.id
_entity.type
_entity.pdbx_description
1 polymer 'Dipeptidyl peptidase 4 soluble form'
2 polymer 'MjHKU4r-CoV-1 spike RBD'
3 branched beta-D-mannopyranose-(1-4)-2-acetamido-2-deoxy-beta-D-glucopyranose-(1-4)-[alpha-L-fucopyranose-(1-6)]2-acetamido-2-deoxy-beta-D-glucopyranose
4 branched alpha-D-mannopyranose-(1-3)-[alpha-D-mannopyranose-(1-6)]beta-D-mannopyranose-(1-4)-2-acetamido-2-deoxy-beta-D-glucopyranose-(1-4)-[alpha-L-fucopyranose-(1-6)]2-acetamido-2-deoxy-beta-D-glucopyranose
5 branched alpha-D-mannopyranose-(1-3)-[alpha-D-mannopyranose-(1-6)]beta-D-mannopyranose-(1-4)-2-acetamido-2-deoxy-beta-D-glucopyranose-(1-4)-2-acetamido-2-deoxy-beta-D-glucopyranose
6 branched alpha-D-mannopyranose-(1-2)-alpha-D-mannopyranose-(1-2)-alpha-D-mannopyranose-(1-3)-[alpha-D-mannopyranose-(1-6)-alpha-D-mannopyranose-(1-6)]beta-D-mannopyranose-(1-4)-2-acetamido-2-deoxy-beta-D-glucopyranose-(1-4)-2-acetamido-2-deoxy-beta-D-glucopyranose
7 branched alpha-D-mannopyranose-(1-6)-beta-D-mannopyranose-(1-4)-2-acetamido-2-deoxy-beta-D-glucopyranose-(1-4)-[alpha-L-fucopyranose-(1-6)]2-acetamido-2-deoxy-beta-D-glucopyranose
8 branched beta-D-mannopyranose-(1-4)-2-acetamido-2-deoxy-beta-D-glucopyranose-(1-4)-2-acetamido-2-deoxy-beta-D-glucopyranose
9 non-polymer 2-acetamido-2-deoxy-beta-D-glucopyranose
#
loop_
_entity_poly.entity_id
_entity_poly.type
_entity_poly.pdbx_seq_one_letter_code
_entity_poly.pdbx_strand_id
1 'polypeptide(L)'
;SRKTYTLTDYLKNTYRLKLYSLRWISDHEYLYKQENNILVFNAEYGNSSVFLENSTFDEFGHSINDYSISPDGQFILLEY
NYVKQWRHSYTASYDIYDLNKRQLITEERIPNNTQWVTWSPVGHKLAYVWNNDIYVKIEPNLPSYRITWTGKEDIIYNGI
TDWVYEEEVFSAYSALWWSPNGTFLAYAQFNDTEVPLIEYSFYSDESLQYPKTVRVPYPKAGAVNPTVKFFVVNTDSLSS
VTNATSIQITAPASMLIGDHYLCDVTWATQERISLQWLRRIQNYSVMDICDYDESSGRWNCLVARQHIEMSTTGWVGRFR
PSEPHFTLDGNSFYKIISNEEGYRHICYFQIDKKDCTFITKGTWEVIGIEALTSDYLYYISNEYKGMPGGRNLYKIQLSD
YTKVTCLSCELNPERCQYYSVSFSKEAKYYQLRCSGPGLPLYTLHSSVNDKGLRVLEDNSALDKMLQNVQMPSKKLDFII
LNETKFWYQMILPPHFDKSKKYPLLLDVYAGPCSQKADTVFRLNWATYLASTENIIVASFDGRGSGYQGDKIMHAINRRL
GTFEVEDQIEAARQFSKMGFVDNKRIAIWGWSYGGYVTSMVLGSGSGVFKCGIAVAPVSRWEYYDSVYTERYMGLPTPED
NLDHYRNSTVMSRAENFKQVEYLLIHGTADDNVHFQQSAQISKALVDVGVDFQAMWYTDEDHGIASSTAHQHIYTHMSHF
IKQCFSLPHHHHHH
;
A
2 'polypeptide(L)'
;EAAATGTFIEQPKSKECDFTPMLVGVPPQVYNFKRLVFTNCNYNLTKLLSLFMVNEFSCNGISPDAIARGCYSSLTVDYF
AYPLSMRSYIQPGSAGDISLYNYKQSFANPTCRVLATAPANLTLTKPSAYGYFQKCSRVSGEHNSVETPLYINPGEYSIC
RSFSPYGFSEDGEVFRRQLTQYEGGGILVGVGAKLAMTDKLEMGFIISVQYGTDTNSVCPMLDLGNSSTITHYLGKCVDY
HHHHHH
;
B
#
loop_
_chem_comp.id
_chem_comp.type
_chem_comp.name
_chem_comp.formula
BMA D-saccharide, beta linking beta-D-mannopyranose 'C6 H12 O6'
FUC L-saccharide, alpha linking alpha-L-fucopyranose 'C6 H12 O5'
MAN D-saccharide, alpha linking alpha-D-mannopyranose 'C6 H12 O6'
NAG D-saccharide, beta linking 2-acetamido-2-deoxy-beta-D-glucopyranose 'C8 H15 N O6'
#
# COMPACT_ATOMS: atom_id res chain seq x y z
N ARG A 2 -23.31 -33.04 -31.07
CA ARG A 2 -22.38 -32.47 -30.11
C ARG A 2 -23.12 -31.66 -29.05
N LYS A 3 -22.57 -31.67 -27.83
CA LYS A 3 -23.19 -31.01 -26.70
C LYS A 3 -22.77 -29.54 -26.60
N THR A 4 -23.44 -28.82 -25.72
CA THR A 4 -23.18 -27.39 -25.49
C THR A 4 -22.54 -27.20 -24.12
N TYR A 5 -21.87 -26.07 -23.96
CA TYR A 5 -21.22 -25.75 -22.68
C TYR A 5 -22.30 -25.34 -21.69
N THR A 6 -22.77 -26.31 -20.92
CA THR A 6 -23.90 -26.10 -20.03
C THR A 6 -23.48 -25.35 -18.76
N LEU A 7 -24.48 -24.94 -17.98
CA LEU A 7 -24.22 -24.32 -16.69
C LEU A 7 -23.52 -25.30 -15.75
N THR A 8 -23.92 -26.57 -15.78
CA THR A 8 -23.28 -27.58 -14.94
C THR A 8 -21.80 -27.73 -15.29
N ASP A 9 -21.45 -27.57 -16.58
CA ASP A 9 -20.04 -27.59 -16.97
C ASP A 9 -19.28 -26.47 -16.25
N TYR A 10 -19.86 -25.28 -16.22
CA TYR A 10 -19.22 -24.14 -15.56
C TYR A 10 -19.17 -24.33 -14.05
N LEU A 11 -20.31 -24.69 -13.45
CA LEU A 11 -20.38 -24.74 -11.99
C LEU A 11 -19.66 -25.94 -11.39
N LYS A 12 -19.48 -27.02 -12.17
CA LYS A 12 -18.76 -28.18 -11.68
C LYS A 12 -17.39 -28.35 -12.32
N ASN A 13 -16.94 -27.35 -13.08
CA ASN A 13 -15.55 -27.26 -13.55
C ASN A 13 -15.15 -28.49 -14.37
N THR A 14 -16.04 -28.92 -15.26
CA THR A 14 -15.79 -30.13 -16.04
C THR A 14 -14.77 -29.93 -17.16
N TYR A 15 -14.50 -28.69 -17.56
CA TYR A 15 -13.49 -28.38 -18.56
C TYR A 15 -12.46 -27.47 -17.88
N ARG A 16 -11.47 -28.07 -17.25
CA ARG A 16 -10.48 -27.36 -16.46
C ARG A 16 -9.30 -26.92 -17.32
N LEU A 17 -8.75 -25.74 -17.01
CA LEU A 17 -7.51 -25.28 -17.58
C LEU A 17 -6.33 -25.82 -16.79
N LYS A 18 -5.19 -25.95 -17.46
CA LYS A 18 -3.96 -26.35 -16.83
C LYS A 18 -2.98 -25.18 -16.78
N LEU A 19 -2.26 -25.07 -15.68
CA LEU A 19 -1.30 -24.01 -15.42
C LEU A 19 0.12 -24.57 -15.44
N TYR A 20 1.08 -23.68 -15.21
CA TYR A 20 2.47 -24.09 -14.99
C TYR A 20 3.07 -23.00 -14.09
N SER A 21 2.98 -23.22 -12.79
CA SER A 21 3.48 -22.28 -11.79
C SER A 21 4.82 -22.75 -11.27
N LEU A 22 5.76 -21.81 -11.16
CA LEU A 22 7.12 -22.16 -10.77
C LEU A 22 7.77 -21.03 -10.00
N ARG A 23 8.54 -21.40 -8.98
CA ARG A 23 9.38 -20.46 -8.24
C ARG A 23 10.81 -20.58 -8.76
N TRP A 24 11.33 -19.51 -9.33
CA TRP A 24 12.75 -19.45 -9.66
C TRP A 24 13.54 -19.35 -8.36
N ILE A 25 14.32 -20.39 -8.05
CA ILE A 25 15.14 -20.40 -6.85
C ILE A 25 16.56 -19.92 -7.11
N SER A 26 17.01 -19.91 -8.36
CA SER A 26 18.27 -19.30 -8.76
C SER A 26 18.04 -18.64 -10.11
N ASP A 27 19.12 -18.26 -10.78
CA ASP A 27 18.98 -17.68 -12.11
C ASP A 27 18.89 -18.74 -13.21
N HIS A 28 19.08 -20.02 -12.89
CA HIS A 28 18.96 -21.07 -13.88
C HIS A 28 18.32 -22.33 -13.31
N GLU A 29 17.49 -22.19 -12.27
CA GLU A 29 16.71 -23.32 -11.75
C GLU A 29 15.39 -22.80 -11.22
N TYR A 30 14.40 -23.69 -11.18
CA TYR A 30 13.09 -23.35 -10.63
C TYR A 30 12.45 -24.59 -10.04
N LEU A 31 11.46 -24.35 -9.17
CA LEU A 31 10.71 -25.41 -8.51
C LEU A 31 9.31 -25.53 -9.13
N TYR A 32 8.86 -26.77 -9.29
CA TYR A 32 7.55 -27.06 -9.87
C TYR A 32 6.97 -28.24 -9.12
N LYS A 33 5.76 -28.08 -8.57
CA LYS A 33 5.13 -29.19 -7.88
C LYS A 33 4.26 -29.98 -8.85
N GLN A 34 4.23 -31.30 -8.65
CA GLN A 34 3.68 -32.24 -9.61
C GLN A 34 3.35 -33.51 -8.85
N GLU A 35 2.05 -33.87 -8.81
CA GLU A 35 1.60 -35.05 -8.08
C GLU A 35 1.96 -34.97 -6.60
N ASN A 36 2.01 -33.74 -6.08
CA ASN A 36 2.38 -33.34 -4.73
C ASN A 36 3.89 -33.40 -4.49
N ASN A 37 4.69 -33.92 -5.42
CA ASN A 37 6.12 -34.07 -5.24
C ASN A 37 6.85 -32.94 -5.94
N ILE A 38 7.53 -32.09 -5.17
CA ILE A 38 8.19 -30.91 -5.73
C ILE A 38 9.40 -31.33 -6.55
N LEU A 39 9.54 -30.73 -7.72
CA LEU A 39 10.63 -31.02 -8.65
C LEU A 39 11.42 -29.75 -8.90
N VAL A 40 12.74 -29.89 -9.01
CA VAL A 40 13.62 -28.77 -9.32
C VAL A 40 14.15 -28.97 -10.74
N PHE A 41 13.74 -28.08 -11.64
CA PHE A 41 14.11 -28.16 -13.04
C PHE A 41 15.38 -27.37 -13.30
N ASN A 42 16.19 -27.88 -14.23
CA ASN A 42 17.30 -27.12 -14.77
C ASN A 42 16.77 -26.27 -15.92
N ALA A 43 16.85 -24.94 -15.77
CA ALA A 43 16.19 -24.05 -16.71
C ALA A 43 16.71 -24.23 -18.13
N GLU A 44 18.03 -24.39 -18.28
CA GLU A 44 18.61 -24.50 -19.61
C GLU A 44 18.23 -25.82 -20.27
N TYR A 45 18.60 -26.94 -19.66
CA TYR A 45 18.53 -28.23 -20.31
C TYR A 45 17.16 -28.89 -20.14
N GLY A 46 16.55 -28.75 -18.97
CA GLY A 46 15.27 -29.37 -18.69
C GLY A 46 15.33 -30.59 -17.80
N ASN A 47 16.52 -31.17 -17.58
CA ASN A 47 16.61 -32.31 -16.67
C ASN A 47 16.26 -31.88 -15.25
N SER A 48 15.30 -32.58 -14.65
CA SER A 48 14.70 -32.16 -13.40
C SER A 48 14.75 -33.31 -12.40
N SER A 49 15.54 -33.14 -11.35
CA SER A 49 15.52 -34.06 -10.22
C SER A 49 14.50 -33.60 -9.19
N VAL A 50 14.27 -34.44 -8.18
CA VAL A 50 13.20 -34.22 -7.22
C VAL A 50 13.75 -33.46 -6.02
N PHE A 51 13.11 -32.35 -5.68
CA PHE A 51 13.48 -31.61 -4.47
C PHE A 51 12.98 -32.31 -3.22
N LEU A 52 11.67 -32.52 -3.13
CA LEU A 52 11.06 -33.02 -1.91
C LEU A 52 9.79 -33.78 -2.28
N GLU A 53 9.60 -34.95 -1.67
CA GLU A 53 8.42 -35.77 -1.92
C GLU A 53 7.41 -35.58 -0.80
N ASN A 54 6.15 -35.42 -1.17
CA ASN A 54 5.11 -35.04 -0.22
C ASN A 54 4.84 -36.12 0.83
N SER A 55 5.25 -37.36 0.57
CA SER A 55 5.05 -38.42 1.55
C SER A 55 5.90 -38.23 2.81
N THR A 56 6.85 -37.29 2.78
CA THR A 56 7.58 -36.92 3.98
C THR A 56 6.63 -36.53 5.10
N PHE A 57 5.53 -35.86 4.75
CA PHE A 57 4.60 -35.30 5.73
C PHE A 57 3.34 -36.13 5.89
N ASP A 58 3.37 -37.40 5.48
CA ASP A 58 2.31 -38.33 5.86
C ASP A 58 2.24 -38.50 7.38
N GLU A 59 3.33 -38.19 8.08
CA GLU A 59 3.39 -38.27 9.53
C GLU A 59 2.81 -37.03 10.22
N PHE A 60 2.59 -35.95 9.48
CA PHE A 60 2.38 -34.63 10.11
C PHE A 60 1.12 -34.61 10.97
N GLY A 61 0.02 -35.14 10.44
CA GLY A 61 -1.23 -35.21 11.19
C GLY A 61 -2.18 -34.05 10.98
N HIS A 62 -1.79 -33.02 10.24
CA HIS A 62 -2.69 -31.94 9.87
C HIS A 62 -2.67 -31.75 8.37
N SER A 63 -3.80 -31.29 7.83
CA SER A 63 -3.88 -30.97 6.41
C SER A 63 -3.11 -29.68 6.13
N ILE A 64 -2.15 -29.73 5.21
CA ILE A 64 -1.25 -28.62 4.97
C ILE A 64 -1.81 -27.76 3.84
N ASN A 65 -2.17 -26.52 4.17
CA ASN A 65 -2.67 -25.59 3.15
C ASN A 65 -1.57 -25.20 2.17
N ASP A 66 -0.36 -24.92 2.66
CA ASP A 66 0.66 -24.32 1.83
C ASP A 66 2.04 -24.64 2.38
N TYR A 67 3.05 -24.44 1.54
CA TYR A 67 4.44 -24.61 1.93
C TYR A 67 5.24 -23.43 1.41
N SER A 68 6.37 -23.16 2.08
CA SER A 68 7.23 -22.04 1.70
C SER A 68 8.67 -22.41 2.07
N ILE A 69 9.45 -22.81 1.08
CA ILE A 69 10.83 -23.22 1.31
C ILE A 69 11.72 -21.99 1.44
N SER A 70 12.63 -22.03 2.40
CA SER A 70 13.49 -20.90 2.67
C SER A 70 14.38 -20.62 1.45
N PRO A 71 14.81 -19.37 1.28
CA PRO A 71 15.66 -19.05 0.11
C PRO A 71 16.93 -19.89 0.03
N ASP A 72 17.52 -20.25 1.17
CA ASP A 72 18.69 -21.11 1.15
C ASP A 72 18.36 -22.59 0.98
N GLY A 73 17.08 -22.95 1.01
CA GLY A 73 16.66 -24.32 0.77
C GLY A 73 16.89 -25.28 1.92
N GLN A 74 17.25 -24.77 3.11
CA GLN A 74 17.49 -25.64 4.25
C GLN A 74 16.22 -26.01 5.01
N PHE A 75 15.17 -25.19 4.91
CA PHE A 75 13.96 -25.38 5.68
C PHE A 75 12.74 -25.21 4.78
N ILE A 76 11.65 -25.83 5.20
CA ILE A 76 10.34 -25.63 4.58
C ILE A 76 9.36 -25.19 5.66
N LEU A 77 8.57 -24.17 5.35
CA LEU A 77 7.56 -23.66 6.27
C LEU A 77 6.22 -24.27 5.90
N LEU A 78 5.59 -24.95 6.87
CA LEU A 78 4.34 -25.64 6.64
C LEU A 78 3.19 -24.85 7.24
N GLU A 79 2.13 -24.67 6.46
CA GLU A 79 0.97 -23.88 6.86
C GLU A 79 -0.24 -24.79 7.01
N TYR A 80 -0.97 -24.60 8.10
CA TYR A 80 -2.20 -25.35 8.34
C TYR A 80 -3.08 -24.55 9.29
N ASN A 81 -4.32 -25.01 9.47
CA ASN A 81 -5.34 -24.30 10.22
C ASN A 81 -5.65 -22.94 9.60
N TYR A 82 -5.73 -22.92 8.27
CA TYR A 82 -6.01 -21.68 7.55
C TYR A 82 -7.39 -21.15 7.92
N VAL A 83 -7.45 -19.85 8.22
CA VAL A 83 -8.70 -19.17 8.56
C VAL A 83 -8.73 -17.82 7.86
N LYS A 84 -9.54 -17.72 6.80
CA LYS A 84 -9.58 -16.51 6.00
C LYS A 84 -10.22 -15.35 6.77
N GLN A 85 -9.58 -14.19 6.74
CA GLN A 85 -10.18 -13.00 7.34
C GLN A 85 -10.88 -12.14 6.30
N TRP A 86 -10.11 -11.55 5.39
CA TRP A 86 -10.65 -10.66 4.36
C TRP A 86 -10.06 -11.15 3.03
N ARG A 87 -10.17 -10.30 2.00
CA ARG A 87 -9.64 -10.62 0.68
C ARG A 87 -8.27 -11.28 0.74
N HIS A 88 -7.33 -10.68 1.47
CA HIS A 88 -5.96 -11.17 1.55
C HIS A 88 -5.59 -11.74 2.90
N SER A 89 -6.12 -11.17 3.99
CA SER A 89 -5.68 -11.54 5.32
C SER A 89 -6.22 -12.91 5.73
N TYR A 90 -5.51 -13.54 6.67
CA TYR A 90 -5.87 -14.84 7.22
C TYR A 90 -4.95 -15.12 8.39
N THR A 91 -5.33 -16.12 9.19
CA THR A 91 -4.49 -16.63 10.27
C THR A 91 -4.32 -18.12 10.12
N ALA A 92 -3.21 -18.64 10.61
CA ALA A 92 -2.90 -20.06 10.49
C ALA A 92 -1.81 -20.42 11.49
N SER A 93 -1.62 -21.72 11.67
CA SER A 93 -0.54 -22.27 12.49
C SER A 93 0.59 -22.76 11.61
N TYR A 94 1.81 -22.73 12.14
CA TYR A 94 3.00 -22.88 11.32
C TYR A 94 4.01 -23.78 11.99
N ASP A 95 4.53 -24.75 11.22
CA ASP A 95 5.60 -25.63 11.66
C ASP A 95 6.76 -25.53 10.68
N ILE A 96 7.98 -25.46 11.21
CA ILE A 96 9.19 -25.42 10.39
C ILE A 96 9.78 -26.82 10.37
N TYR A 97 10.03 -27.33 9.17
CA TYR A 97 10.60 -28.67 8.99
C TYR A 97 12.00 -28.52 8.43
N ASP A 98 12.98 -29.09 9.13
CA ASP A 98 14.36 -29.05 8.66
C ASP A 98 14.54 -30.00 7.49
N LEU A 99 15.04 -29.48 6.37
CA LEU A 99 15.21 -30.31 5.18
C LEU A 99 16.48 -31.13 5.23
N ASN A 100 17.54 -30.60 5.83
CA ASN A 100 18.81 -31.33 5.87
C ASN A 100 18.74 -32.48 6.87
N LYS A 101 18.41 -32.19 8.12
CA LYS A 101 18.22 -33.26 9.09
C LYS A 101 16.98 -34.09 8.83
N ARG A 102 16.08 -33.63 7.98
CA ARG A 102 14.80 -34.28 7.72
C ARG A 102 14.04 -34.55 9.01
N GLN A 103 13.96 -33.51 9.84
CA GLN A 103 13.23 -33.58 11.11
C GLN A 103 12.38 -32.33 11.27
N LEU A 104 11.27 -32.48 11.99
CA LEU A 104 10.46 -31.33 12.38
C LEU A 104 11.10 -30.62 13.56
N ILE A 105 11.08 -29.30 13.54
CA ILE A 105 11.60 -28.49 14.62
C ILE A 105 10.51 -28.31 15.68
N THR A 106 10.85 -28.59 16.94
CA THR A 106 9.90 -28.50 18.03
C THR A 106 10.38 -27.61 19.17
N GLU A 107 11.55 -26.98 19.07
CA GLU A 107 11.95 -25.96 20.02
C GLU A 107 11.49 -24.60 19.53
N GLU A 108 10.93 -23.80 20.44
CA GLU A 108 10.54 -22.42 20.16
C GLU A 108 9.64 -22.35 18.92
N ARG A 109 8.51 -23.02 19.00
CA ARG A 109 7.62 -23.14 17.85
C ARG A 109 6.90 -21.82 17.58
N ILE A 110 6.57 -21.60 16.31
CA ILE A 110 5.79 -20.41 15.93
C ILE A 110 4.41 -20.51 16.59
N PRO A 111 3.88 -19.44 17.17
CA PRO A 111 2.59 -19.55 17.86
C PRO A 111 1.45 -19.84 16.89
N ASN A 112 0.33 -20.24 17.47
CA ASN A 112 -0.92 -20.36 16.73
C ASN A 112 -1.48 -18.98 16.42
N ASN A 113 -2.46 -18.97 15.51
CA ASN A 113 -3.14 -17.74 15.11
C ASN A 113 -2.17 -16.68 14.60
N THR A 114 -1.09 -17.14 13.96
CA THR A 114 -0.13 -16.20 13.39
C THR A 114 -0.76 -15.47 12.21
N GLN A 115 -0.53 -14.17 12.13
CA GLN A 115 -1.19 -13.34 11.14
C GLN A 115 -0.37 -13.24 9.86
N TRP A 116 0.95 -13.16 9.96
CA TRP A 116 1.81 -13.13 8.79
C TRP A 116 3.15 -13.76 9.13
N VAL A 117 3.68 -14.55 8.21
CA VAL A 117 5.04 -15.06 8.27
C VAL A 117 5.71 -14.81 6.92
N THR A 118 7.02 -14.57 6.97
CA THR A 118 7.80 -14.41 5.74
C THR A 118 9.26 -14.67 6.05
N TRP A 119 9.91 -15.46 5.22
CA TRP A 119 11.36 -15.64 5.32
C TRP A 119 12.07 -14.34 4.97
N SER A 120 13.33 -14.26 5.37
CA SER A 120 14.21 -13.24 4.83
C SER A 120 14.40 -13.51 3.33
N PRO A 121 14.72 -12.48 2.55
CA PRO A 121 14.87 -12.71 1.10
C PRO A 121 16.02 -13.64 0.74
N VAL A 122 17.00 -13.78 1.63
CA VAL A 122 18.09 -14.73 1.47
C VAL A 122 18.39 -15.34 2.83
N GLY A 123 18.66 -16.65 2.83
CA GLY A 123 18.94 -17.34 4.08
C GLY A 123 17.72 -17.98 4.70
N HIS A 124 17.63 -17.93 6.03
CA HIS A 124 16.56 -18.63 6.72
C HIS A 124 16.00 -17.86 7.93
N LYS A 125 16.19 -16.55 7.98
CA LYS A 125 15.52 -15.75 9.01
C LYS A 125 14.02 -15.77 8.79
N LEU A 126 13.28 -15.58 9.89
CA LEU A 126 11.84 -15.48 9.83
C LEU A 126 11.37 -14.20 10.52
N ALA A 127 10.36 -13.57 9.94
CA ALA A 127 9.63 -12.48 10.56
C ALA A 127 8.16 -12.85 10.57
N TYR A 128 7.56 -12.89 11.75
CA TYR A 128 6.16 -13.27 11.88
C TYR A 128 5.42 -12.31 12.79
N VAL A 129 4.14 -12.09 12.48
CA VAL A 129 3.28 -11.16 13.19
C VAL A 129 2.27 -11.95 14.00
N TRP A 130 2.10 -11.58 15.27
CA TRP A 130 1.22 -12.31 16.17
C TRP A 130 0.70 -11.34 17.22
N ASN A 131 -0.63 -11.25 17.34
CA ASN A 131 -1.30 -10.25 18.17
C ASN A 131 -0.84 -8.84 17.80
N ASN A 132 -0.80 -8.56 16.50
CA ASN A 132 -0.45 -7.26 15.96
C ASN A 132 0.95 -6.83 16.39
N ASP A 133 1.82 -7.79 16.68
CA ASP A 133 3.20 -7.52 17.08
C ASP A 133 4.14 -8.33 16.21
N ILE A 134 5.33 -7.80 16.00
CA ILE A 134 6.31 -8.38 15.08
C ILE A 134 7.37 -9.13 15.88
N TYR A 135 7.69 -10.34 15.43
CA TYR A 135 8.72 -11.17 16.04
C TYR A 135 9.69 -11.61 14.97
N VAL A 136 10.98 -11.54 15.29
CA VAL A 136 12.05 -11.94 14.37
C VAL A 136 12.73 -13.18 14.93
N LYS A 137 12.96 -14.17 14.07
CA LYS A 137 13.48 -15.47 14.47
C LYS A 137 14.67 -15.80 13.57
N ILE A 138 15.89 -15.58 14.09
CA ILE A 138 17.09 -15.76 13.27
C ILE A 138 17.25 -17.22 12.87
N GLU A 139 17.25 -18.13 13.85
CA GLU A 139 17.34 -19.54 13.60
C GLU A 139 16.03 -20.21 13.96
N PRO A 140 15.51 -21.08 13.10
CA PRO A 140 14.17 -21.66 13.34
C PRO A 140 14.03 -22.41 14.66
N ASN A 141 15.12 -22.86 15.26
CA ASN A 141 15.06 -23.58 16.53
C ASN A 141 15.40 -22.70 17.72
N LEU A 142 15.52 -21.38 17.53
CA LEU A 142 15.95 -20.46 18.56
C LEU A 142 14.84 -19.51 18.97
N PRO A 143 14.94 -18.87 20.13
CA PRO A 143 13.86 -17.99 20.59
C PRO A 143 13.66 -16.80 19.68
N SER A 144 12.42 -16.31 19.67
CA SER A 144 12.07 -15.13 18.89
C SER A 144 12.50 -13.86 19.63
N TYR A 145 12.87 -12.84 18.86
CA TYR A 145 13.08 -11.50 19.38
C TYR A 145 11.82 -10.68 19.08
N ARG A 146 11.15 -10.22 20.14
CA ARG A 146 9.95 -9.41 19.93
C ARG A 146 10.36 -8.00 19.58
N ILE A 147 9.90 -7.53 18.42
CA ILE A 147 10.26 -6.19 17.95
C ILE A 147 9.35 -5.12 18.52
N THR A 148 8.03 -5.32 18.42
CA THR A 148 7.05 -4.32 18.82
C THR A 148 6.26 -4.81 20.02
N TRP A 149 5.98 -3.89 20.95
CA TRP A 149 5.22 -4.19 22.15
C TRP A 149 3.84 -3.53 22.17
N THR A 150 3.46 -2.83 21.11
CA THR A 150 2.30 -1.94 21.14
C THR A 150 1.09 -2.50 20.41
N GLY A 151 1.16 -3.72 19.88
CA GLY A 151 0.04 -4.24 19.12
C GLY A 151 -1.22 -4.37 19.96
N LYS A 152 -2.36 -4.01 19.37
CA LYS A 152 -3.64 -4.06 20.04
C LYS A 152 -4.72 -4.41 19.03
N GLU A 153 -5.64 -5.29 19.42
CA GLU A 153 -6.70 -5.71 18.51
C GLU A 153 -7.52 -4.51 18.05
N ASP A 154 -7.72 -4.42 16.73
CA ASP A 154 -8.56 -3.42 16.08
C ASP A 154 -8.11 -1.99 16.32
N ILE A 155 -6.91 -1.79 16.91
CA ILE A 155 -6.44 -0.45 17.23
C ILE A 155 -5.07 -0.19 16.62
N ILE A 156 -4.09 -1.02 16.99
CA ILE A 156 -2.70 -0.83 16.58
C ILE A 156 -2.27 -2.07 15.79
N TYR A 157 -1.76 -1.85 14.59
CA TYR A 157 -1.30 -2.93 13.71
C TYR A 157 0.19 -2.72 13.41
N ASN A 158 1.04 -3.51 14.05
CA ASN A 158 2.47 -3.51 13.74
C ASN A 158 2.77 -4.61 12.74
N GLY A 159 3.24 -4.23 11.56
CA GLY A 159 3.66 -5.18 10.54
C GLY A 159 2.56 -5.76 9.69
N ILE A 160 1.30 -5.45 9.98
CA ILE A 160 0.18 -5.88 9.15
C ILE A 160 -0.73 -4.68 8.91
N THR A 161 -1.58 -4.81 7.90
CA THR A 161 -2.43 -3.72 7.48
C THR A 161 -3.78 -3.77 8.20
N ASP A 162 -4.39 -2.61 8.34
CA ASP A 162 -5.80 -2.55 8.74
C ASP A 162 -6.65 -2.93 7.52
N TRP A 163 -7.97 -2.78 7.64
CA TRP A 163 -8.85 -3.23 6.57
C TRP A 163 -8.61 -2.45 5.28
N VAL A 164 -8.56 -1.13 5.37
CA VAL A 164 -8.55 -0.32 4.15
C VAL A 164 -7.17 -0.29 3.52
N TYR A 165 -6.10 -0.31 4.32
CA TYR A 165 -4.76 -0.44 3.75
C TYR A 165 -4.59 -1.79 3.08
N GLU A 166 -5.10 -2.86 3.70
CA GLU A 166 -5.04 -4.19 3.08
C GLU A 166 -5.75 -4.20 1.72
N GLU A 167 -6.92 -3.57 1.65
CA GLU A 167 -7.79 -3.76 0.49
C GLU A 167 -7.54 -2.70 -0.59
N GLU A 168 -7.47 -1.42 -0.22
CA GLU A 168 -7.44 -0.34 -1.19
C GLU A 168 -6.06 0.27 -1.43
N VAL A 169 -5.07 0.02 -0.57
CA VAL A 169 -3.73 0.58 -0.73
C VAL A 169 -2.72 -0.48 -1.16
N PHE A 170 -2.49 -1.50 -0.33
CA PHE A 170 -1.40 -2.43 -0.55
C PHE A 170 -1.82 -3.70 -1.30
N SER A 171 -3.11 -4.03 -1.28
CA SER A 171 -3.60 -5.28 -1.85
C SER A 171 -2.87 -6.48 -1.25
N ALA A 172 -2.55 -6.39 0.04
CA ALA A 172 -1.90 -7.47 0.76
C ALA A 172 -2.04 -7.22 2.25
N TYR A 173 -1.90 -8.30 3.02
CA TYR A 173 -2.05 -8.22 4.48
C TYR A 173 -0.83 -7.61 5.14
N SER A 174 0.37 -7.91 4.64
CA SER A 174 1.60 -7.61 5.36
C SER A 174 2.01 -6.15 5.19
N ALA A 175 2.66 -5.63 6.23
CA ALA A 175 3.38 -4.37 6.19
C ALA A 175 4.84 -4.59 6.53
N LEU A 176 5.39 -5.71 6.09
CA LEU A 176 6.79 -6.07 6.31
C LEU A 176 7.56 -5.96 5.01
N TRP A 177 8.77 -5.40 5.08
CA TRP A 177 9.64 -5.28 3.92
C TRP A 177 11.08 -5.53 4.37
N TRP A 178 11.60 -6.70 4.01
CA TRP A 178 12.98 -7.05 4.33
C TRP A 178 13.96 -6.22 3.50
N SER A 179 15.13 -5.98 4.07
CA SER A 179 16.25 -5.45 3.31
C SER A 179 16.67 -6.49 2.27
N PRO A 180 17.24 -6.07 1.13
CA PRO A 180 17.55 -7.03 0.07
C PRO A 180 18.43 -8.20 0.51
N ASN A 181 19.42 -7.98 1.40
CA ASN A 181 20.19 -9.11 1.91
C ASN A 181 19.72 -9.54 3.29
N GLY A 182 18.60 -9.00 3.77
CA GLY A 182 18.00 -9.46 5.02
C GLY A 182 18.57 -8.86 6.28
N THR A 183 19.25 -7.71 6.19
CA THR A 183 19.78 -7.07 7.38
C THR A 183 18.71 -6.27 8.11
N PHE A 184 17.98 -5.43 7.38
CA PHE A 184 16.99 -4.52 7.97
C PHE A 184 15.60 -5.06 7.72
N LEU A 185 14.71 -4.86 8.69
CA LEU A 185 13.29 -5.16 8.54
C LEU A 185 12.52 -3.86 8.70
N ALA A 186 12.02 -3.33 7.58
CA ALA A 186 11.19 -2.14 7.59
C ALA A 186 9.73 -2.55 7.72
N TYR A 187 8.98 -1.77 8.49
CA TYR A 187 7.58 -2.11 8.71
C TYR A 187 6.77 -0.84 8.95
N ALA A 188 5.46 -0.97 8.72
CA ALA A 188 4.51 0.10 8.95
C ALA A 188 3.68 -0.21 10.19
N GLN A 189 3.28 0.85 10.89
CA GLN A 189 2.37 0.75 12.02
C GLN A 189 1.11 1.54 11.71
N PHE A 190 -0.04 0.92 11.91
CA PHE A 190 -1.33 1.56 11.67
C PHE A 190 -2.09 1.71 12.98
N ASN A 191 -2.86 2.78 13.08
CA ASN A 191 -3.52 3.18 14.32
C ASN A 191 -4.95 3.61 13.97
N ASP A 192 -5.91 2.69 14.19
CA ASP A 192 -7.31 2.93 13.89
C ASP A 192 -8.10 3.45 15.08
N THR A 193 -7.45 4.19 15.99
CA THR A 193 -8.07 4.53 17.28
C THR A 193 -9.41 5.23 17.08
N GLU A 194 -9.50 6.12 16.11
CA GLU A 194 -10.70 6.93 15.91
C GLU A 194 -11.46 6.56 14.64
N VAL A 195 -11.16 5.40 14.05
CA VAL A 195 -11.84 4.99 12.83
C VAL A 195 -13.18 4.35 13.19
N PRO A 196 -14.28 4.81 12.62
CA PRO A 196 -15.60 4.23 12.95
C PRO A 196 -15.67 2.77 12.55
N LEU A 197 -16.52 2.02 13.27
CA LEU A 197 -16.72 0.60 13.03
C LEU A 197 -17.97 0.37 12.19
N ILE A 198 -17.84 -0.48 11.17
CA ILE A 198 -19.00 -1.07 10.52
C ILE A 198 -19.42 -2.29 11.33
N GLU A 199 -20.73 -2.48 11.48
CA GLU A 199 -21.26 -3.57 12.29
C GLU A 199 -22.34 -4.32 11.50
N TYR A 200 -22.21 -5.63 11.43
CA TYR A 200 -23.18 -6.46 10.72
C TYR A 200 -23.35 -7.79 11.45
N SER A 201 -24.53 -8.39 11.27
CA SER A 201 -24.84 -9.65 11.93
C SER A 201 -24.18 -10.82 11.22
N PHE A 202 -23.68 -11.77 12.01
CA PHE A 202 -23.12 -13.01 11.51
C PHE A 202 -23.81 -14.16 12.24
N TYR A 203 -24.43 -15.05 11.48
CA TYR A 203 -25.30 -16.08 12.05
C TYR A 203 -24.64 -17.44 12.19
N SER A 204 -23.39 -17.59 11.75
CA SER A 204 -22.64 -18.84 11.85
C SER A 204 -23.44 -20.04 11.36
N ASP A 205 -23.86 -20.91 12.28
CA ASP A 205 -24.56 -22.15 11.92
C ASP A 205 -25.87 -22.24 12.71
N GLU A 206 -26.58 -23.35 12.50
CA GLU A 206 -27.83 -23.60 13.22
C GLU A 206 -27.62 -23.54 14.73
N SER A 207 -26.50 -24.06 15.22
CA SER A 207 -26.29 -24.22 16.65
C SER A 207 -26.28 -22.88 17.37
N LEU A 208 -25.63 -21.87 16.78
CA LEU A 208 -25.44 -20.59 17.47
C LEU A 208 -26.78 -19.91 17.71
N GLN A 209 -27.14 -19.75 18.98
CA GLN A 209 -28.48 -19.26 19.31
C GLN A 209 -28.60 -17.76 19.07
N TYR A 210 -27.67 -16.97 19.63
CA TYR A 210 -27.66 -15.52 19.40
C TYR A 210 -26.58 -15.16 18.40
N PRO A 211 -26.90 -14.38 17.37
CA PRO A 211 -25.90 -14.08 16.33
C PRO A 211 -24.74 -13.24 16.86
N LYS A 212 -23.58 -13.43 16.24
CA LYS A 212 -22.48 -12.51 16.45
C LYS A 212 -22.77 -11.18 15.76
N THR A 213 -22.30 -10.10 16.37
CA THR A 213 -22.21 -8.81 15.70
C THR A 213 -20.75 -8.52 15.44
N VAL A 214 -20.39 -8.44 14.17
CA VAL A 214 -19.01 -8.19 13.77
C VAL A 214 -18.78 -6.68 13.77
N ARG A 215 -17.59 -6.27 14.19
CA ARG A 215 -17.23 -4.86 14.28
C ARG A 215 -15.85 -4.67 13.68
N VAL A 216 -15.78 -3.93 12.56
CA VAL A 216 -14.57 -3.79 11.78
C VAL A 216 -14.25 -2.31 11.62
N PRO A 217 -13.08 -1.84 12.05
CA PRO A 217 -12.69 -0.45 11.77
C PRO A 217 -12.67 -0.19 10.27
N TYR A 218 -13.53 0.72 9.83
CA TYR A 218 -13.78 0.94 8.41
C TYR A 218 -14.11 2.41 8.17
N PRO A 219 -13.20 3.18 7.59
CA PRO A 219 -13.49 4.59 7.29
C PRO A 219 -14.29 4.72 6.01
N LYS A 220 -15.56 5.07 6.14
CA LYS A 220 -16.36 5.41 4.98
C LYS A 220 -15.98 6.80 4.48
N ALA A 221 -16.55 7.17 3.33
CA ALA A 221 -16.17 8.41 2.66
C ALA A 221 -16.25 9.61 3.59
N GLY A 222 -15.12 10.29 3.76
CA GLY A 222 -15.05 11.48 4.59
C GLY A 222 -14.80 11.24 6.06
N ALA A 223 -14.76 9.99 6.51
CA ALA A 223 -14.65 9.68 7.93
C ALA A 223 -13.22 9.86 8.42
N VAL A 224 -12.98 9.49 9.66
CA VAL A 224 -11.63 9.53 10.23
C VAL A 224 -10.81 8.40 9.62
N ASN A 225 -9.71 8.75 8.99
CA ASN A 225 -8.83 7.74 8.42
C ASN A 225 -7.86 7.20 9.48
N PRO A 226 -7.38 5.98 9.31
CA PRO A 226 -6.29 5.50 10.16
C PRO A 226 -5.01 6.26 9.88
N THR A 227 -4.13 6.29 10.88
CA THR A 227 -2.85 6.96 10.76
C THR A 227 -1.72 5.93 10.74
N VAL A 228 -0.66 6.27 10.00
CA VAL A 228 0.39 5.32 9.64
C VAL A 228 1.76 5.87 10.06
N LYS A 229 2.60 4.99 10.60
CA LYS A 229 3.99 5.30 10.90
C LYS A 229 4.88 4.25 10.24
N PHE A 230 6.14 4.63 10.01
CA PHE A 230 7.09 3.75 9.35
C PHE A 230 8.35 3.61 10.21
N PHE A 231 8.83 2.37 10.32
CA PHE A 231 9.98 2.05 11.16
C PHE A 231 10.94 1.14 10.41
N VAL A 232 12.19 1.15 10.84
CA VAL A 232 13.22 0.20 10.38
C VAL A 232 13.95 -0.33 11.61
N VAL A 233 14.17 -1.65 11.64
CA VAL A 233 14.87 -2.29 12.74
C VAL A 233 16.03 -3.09 12.17
N ASN A 234 17.15 -3.09 12.88
CA ASN A 234 18.35 -3.84 12.49
C ASN A 234 18.25 -5.24 13.07
N THR A 235 17.99 -6.23 12.22
CA THR A 235 17.82 -7.60 12.67
C THR A 235 19.13 -8.31 12.98
N ASP A 236 20.28 -7.72 12.64
CA ASP A 236 21.56 -8.33 12.99
C ASP A 236 22.00 -7.98 14.40
N SER A 237 21.60 -6.81 14.90
CA SER A 237 22.02 -6.34 16.22
C SER A 237 20.95 -6.56 17.29
N LEU A 238 20.15 -7.61 17.15
CA LEU A 238 19.12 -7.91 18.14
C LEU A 238 19.74 -8.53 19.37
N SER A 239 19.47 -7.95 20.54
CA SER A 239 19.98 -8.45 21.81
C SER A 239 18.83 -9.04 22.62
N SER A 240 19.12 -10.13 23.31
CA SER A 240 18.12 -10.82 24.14
C SER A 240 18.08 -10.31 25.57
N VAL A 241 18.95 -9.38 25.93
CA VAL A 241 18.95 -8.83 27.30
C VAL A 241 18.08 -7.59 27.39
N THR A 242 18.14 -6.70 26.41
CA THR A 242 17.35 -5.48 26.41
C THR A 242 16.62 -5.34 25.08
N ASN A 243 15.50 -4.63 25.12
CA ASN A 243 14.58 -4.55 24.00
C ASN A 243 15.22 -3.87 22.79
N ALA A 244 14.74 -4.26 21.61
CA ALA A 244 15.32 -3.81 20.35
C ALA A 244 14.79 -2.46 19.93
N THR A 245 15.63 -1.69 19.25
CA THR A 245 15.28 -0.35 18.80
C THR A 245 14.74 -0.39 17.37
N SER A 246 13.63 0.30 17.15
CA SER A 246 13.11 0.57 15.82
C SER A 246 13.29 2.06 15.53
N ILE A 247 14.08 2.36 14.51
CA ILE A 247 14.29 3.75 14.11
C ILE A 247 13.12 4.18 13.22
N GLN A 248 12.42 5.23 13.63
CA GLN A 248 11.30 5.73 12.83
C GLN A 248 11.81 6.52 11.63
N ILE A 249 11.08 6.39 10.53
CA ILE A 249 11.25 7.26 9.36
C ILE A 249 9.97 8.06 9.20
N THR A 250 10.09 9.38 9.29
CA THR A 250 8.92 10.23 9.15
C THR A 250 8.63 10.52 7.69
N ALA A 251 7.40 10.93 7.42
CA ALA A 251 7.01 11.37 6.09
C ALA A 251 7.51 12.79 5.83
N PRO A 252 7.68 13.16 4.56
CA PRO A 252 8.07 14.53 4.24
C PRO A 252 7.03 15.52 4.75
N ALA A 253 7.52 16.71 5.13
CA ALA A 253 6.65 17.72 5.73
C ALA A 253 5.56 18.18 4.78
N SER A 254 5.75 18.02 3.47
CA SER A 254 4.69 18.30 2.51
C SER A 254 3.55 17.31 2.63
N MET A 255 3.71 16.27 3.45
CA MET A 255 2.65 15.32 3.75
C MET A 255 2.10 15.45 5.16
N LEU A 256 2.92 15.89 6.12
CA LEU A 256 2.51 15.99 7.51
C LEU A 256 1.52 17.13 7.75
N ILE A 257 1.32 18.01 6.77
CA ILE A 257 0.38 19.12 6.92
C ILE A 257 -1.08 18.66 6.91
N GLY A 258 -1.34 17.40 6.61
CA GLY A 258 -2.69 16.90 6.63
C GLY A 258 -2.70 15.39 6.66
N ASP A 259 -3.88 14.81 6.40
CA ASP A 259 -3.98 13.36 6.27
C ASP A 259 -3.23 12.90 5.03
N HIS A 260 -2.63 11.71 5.14
CA HIS A 260 -1.86 11.15 4.05
C HIS A 260 -1.96 9.63 4.10
N TYR A 261 -1.34 8.98 3.13
CA TYR A 261 -1.21 7.52 3.12
C TYR A 261 0.22 7.13 2.78
N LEU A 262 0.62 5.97 3.29
CA LEU A 262 1.81 5.28 2.81
C LEU A 262 1.38 4.32 1.71
N CYS A 263 1.96 4.46 0.52
CA CYS A 263 1.50 3.70 -0.64
C CYS A 263 2.55 2.82 -1.28
N ASP A 264 3.84 3.00 -0.98
CA ASP A 264 4.85 2.15 -1.58
C ASP A 264 6.09 2.11 -0.69
N VAL A 265 6.69 0.93 -0.61
CA VAL A 265 7.96 0.71 0.09
C VAL A 265 8.82 -0.14 -0.83
N THR A 266 9.92 0.41 -1.33
CA THR A 266 10.78 -0.27 -2.28
C THR A 266 12.23 -0.06 -1.86
N TRP A 267 12.89 -1.15 -1.45
CA TRP A 267 14.32 -1.09 -1.14
C TRP A 267 15.13 -0.87 -2.41
N ALA A 268 16.06 0.08 -2.35
CA ALA A 268 16.94 0.38 -3.48
C ALA A 268 18.28 -0.34 -3.35
N THR A 269 18.94 -0.21 -2.21
CA THR A 269 20.18 -0.94 -1.94
C THR A 269 20.06 -1.64 -0.59
N GLN A 270 21.18 -2.20 -0.11
CA GLN A 270 21.20 -2.79 1.22
C GLN A 270 21.09 -1.73 2.32
N GLU A 271 21.39 -0.46 2.00
CA GLU A 271 21.35 0.62 2.97
C GLU A 271 20.50 1.79 2.51
N ARG A 272 19.72 1.63 1.43
CA ARG A 272 18.86 2.70 0.92
C ARG A 272 17.47 2.15 0.64
N ILE A 273 16.45 2.91 1.04
CA ILE A 273 15.06 2.53 0.88
C ILE A 273 14.29 3.71 0.30
N SER A 274 13.28 3.39 -0.51
CA SER A 274 12.42 4.39 -1.12
C SER A 274 11.00 4.24 -0.59
N LEU A 275 10.45 5.33 -0.05
CA LEU A 275 9.08 5.39 0.43
C LEU A 275 8.29 6.37 -0.43
N GLN A 276 7.03 6.04 -0.69
CA GLN A 276 6.12 6.96 -1.38
C GLN A 276 4.94 7.27 -0.49
N TRP A 277 4.65 8.55 -0.33
CA TRP A 277 3.53 9.04 0.47
C TRP A 277 2.53 9.73 -0.45
N LEU A 278 1.26 9.68 -0.06
CA LEU A 278 0.18 10.21 -0.89
C LEU A 278 -0.76 11.03 -0.03
N ARG A 279 -1.03 12.26 -0.45
CA ARG A 279 -1.98 13.11 0.27
C ARG A 279 -3.36 12.49 0.22
N ARG A 280 -4.18 12.77 1.25
CA ARG A 280 -5.51 12.19 1.29
C ARG A 280 -6.32 12.62 0.07
N ILE A 281 -6.11 13.86 -0.38
CA ILE A 281 -6.50 14.26 -1.73
C ILE A 281 -5.46 13.65 -2.66
N GLN A 282 -5.81 12.54 -3.31
CA GLN A 282 -4.81 11.71 -3.97
C GLN A 282 -4.44 12.22 -5.36
N ASN A 283 -4.06 13.49 -5.46
CA ASN A 283 -3.49 14.05 -6.68
C ASN A 283 -2.13 14.66 -6.42
N TYR A 284 -1.44 14.19 -5.39
CA TYR A 284 -0.10 14.70 -5.04
C TYR A 284 0.60 13.65 -4.20
N SER A 285 1.73 13.15 -4.70
CA SER A 285 2.52 12.14 -4.00
C SER A 285 3.99 12.52 -4.01
N VAL A 286 4.72 12.03 -3.01
CA VAL A 286 6.14 12.32 -2.84
C VAL A 286 6.88 11.02 -2.57
N MET A 287 8.02 10.84 -3.24
CA MET A 287 8.92 9.74 -2.95
C MET A 287 10.07 10.24 -2.08
N ASP A 288 10.31 9.55 -0.96
CA ASP A 288 11.41 9.87 -0.06
C ASP A 288 12.46 8.78 -0.18
N ILE A 289 13.72 9.20 -0.32
CA ILE A 289 14.84 8.28 -0.54
C ILE A 289 15.77 8.40 0.66
N CYS A 290 15.89 7.33 1.43
CA CYS A 290 16.52 7.38 2.74
C CYS A 290 17.73 6.45 2.76
N ASP A 291 18.89 7.01 3.11
CA ASP A 291 20.12 6.25 3.29
C ASP A 291 20.36 6.01 4.77
N TYR A 292 20.91 4.83 5.09
CA TYR A 292 21.17 4.48 6.48
C TYR A 292 22.48 5.10 6.92
N ASP A 293 22.44 5.88 8.00
CA ASP A 293 23.61 6.55 8.55
C ASP A 293 24.35 5.57 9.46
N GLU A 294 25.53 5.12 9.05
CA GLU A 294 26.29 4.17 9.85
C GLU A 294 26.87 4.78 11.12
N SER A 295 26.99 6.11 11.17
CA SER A 295 27.64 6.77 12.30
C SER A 295 26.67 7.28 13.36
N SER A 296 25.38 7.46 13.01
CA SER A 296 24.36 7.77 13.99
C SER A 296 23.33 6.66 14.15
N GLY A 297 23.36 5.65 13.29
CA GLY A 297 22.43 4.55 13.36
C GLY A 297 21.05 4.85 12.82
N ARG A 298 20.76 6.10 12.48
CA ARG A 298 19.45 6.52 12.01
C ARG A 298 19.42 6.52 10.49
N TRP A 299 18.34 7.04 9.91
CA TRP A 299 18.18 7.10 8.47
C TRP A 299 18.03 8.55 8.02
N ASN A 300 18.83 8.94 7.03
CA ASN A 300 18.79 10.27 6.46
C ASN A 300 18.01 10.24 5.14
N CYS A 301 16.88 10.94 5.10
CA CYS A 301 16.14 11.18 3.87
C CYS A 301 16.36 12.64 3.49
N LEU A 302 17.16 12.86 2.45
CA LEU A 302 17.49 14.21 2.03
C LEU A 302 16.30 14.85 1.32
N VAL A 303 16.10 16.14 1.58
CA VAL A 303 15.03 16.88 0.90
C VAL A 303 15.35 17.04 -0.58
N ALA A 304 16.64 17.20 -0.92
CA ALA A 304 17.03 17.30 -2.32
C ALA A 304 16.77 16.01 -3.10
N ARG A 305 16.49 14.90 -2.41
CA ARG A 305 16.18 13.63 -3.05
C ARG A 305 14.69 13.30 -3.06
N GLN A 306 13.84 14.24 -2.62
CA GLN A 306 12.41 14.00 -2.74
C GLN A 306 11.98 14.10 -4.21
N HIS A 307 10.87 13.45 -4.52
CA HIS A 307 10.39 13.37 -5.90
C HIS A 307 8.87 13.49 -5.88
N ILE A 308 8.37 14.59 -6.45
CA ILE A 308 6.95 14.91 -6.41
C ILE A 308 6.30 14.41 -7.69
N GLU A 309 5.30 13.54 -7.55
CA GLU A 309 4.52 13.03 -8.67
C GLU A 309 3.06 13.42 -8.41
N MET A 310 2.59 14.45 -9.11
CA MET A 310 1.23 14.94 -8.96
C MET A 310 0.52 14.93 -10.30
N SER A 311 -0.80 15.00 -10.25
CA SER A 311 -1.63 15.01 -11.45
C SER A 311 -2.54 16.23 -11.43
N THR A 312 -2.76 16.80 -12.61
CA THR A 312 -3.61 17.98 -12.75
C THR A 312 -4.99 17.65 -13.31
N THR A 313 -5.17 16.51 -13.96
CA THR A 313 -6.45 16.10 -14.50
C THR A 313 -7.15 15.05 -13.67
N GLY A 314 -6.48 14.46 -12.69
CA GLY A 314 -7.09 13.44 -11.86
C GLY A 314 -6.20 12.93 -10.76
N TRP A 315 -6.33 11.65 -10.43
CA TRP A 315 -5.58 11.02 -9.35
C TRP A 315 -4.25 10.48 -9.86
N VAL A 316 -3.32 10.32 -8.93
CA VAL A 316 -1.97 9.87 -9.25
C VAL A 316 -1.97 8.35 -9.41
N GLY A 317 -1.47 7.88 -10.56
CA GLY A 317 -1.38 6.46 -10.81
C GLY A 317 -2.70 5.89 -11.29
N ARG A 318 -2.65 4.59 -11.63
CA ARG A 318 -3.87 3.90 -12.05
C ARG A 318 -4.79 3.66 -10.86
N PHE A 319 -4.27 3.03 -9.81
CA PHE A 319 -4.91 3.00 -8.50
C PHE A 319 -4.02 3.54 -7.40
N ARG A 320 -2.76 3.82 -7.71
CA ARG A 320 -1.75 4.24 -6.75
C ARG A 320 -0.47 4.53 -7.53
N PRO A 321 0.41 5.35 -6.97
CA PRO A 321 1.67 5.63 -7.69
C PRO A 321 2.46 4.36 -7.92
N SER A 322 3.05 4.25 -9.11
CA SER A 322 3.73 3.04 -9.52
C SER A 322 5.03 2.86 -8.73
N GLU A 323 5.55 1.60 -8.76
CA GLU A 323 6.75 1.34 -7.99
C GLU A 323 8.00 1.68 -8.80
N PRO A 324 9.07 2.10 -8.14
CA PRO A 324 10.33 2.37 -8.85
C PRO A 324 11.19 1.12 -8.96
N HIS A 325 11.88 1.01 -10.10
CA HIS A 325 12.80 -0.09 -10.36
C HIS A 325 14.21 0.51 -10.38
N PHE A 326 14.90 0.41 -9.26
CA PHE A 326 16.21 1.02 -9.11
C PHE A 326 17.26 0.25 -9.91
N THR A 327 18.36 0.94 -10.20
CA THR A 327 19.54 0.29 -10.74
C THR A 327 20.28 -0.44 -9.61
N LEU A 328 21.37 -1.12 -9.95
CA LEU A 328 22.12 -1.85 -8.93
C LEU A 328 22.70 -0.91 -7.89
N ASP A 329 23.32 0.19 -8.34
CA ASP A 329 23.89 1.14 -7.41
C ASP A 329 22.83 1.98 -6.70
N GLY A 330 21.60 1.98 -7.19
CA GLY A 330 20.54 2.69 -6.53
C GLY A 330 20.55 4.19 -6.69
N ASN A 331 21.40 4.72 -7.58
CA ASN A 331 21.50 6.15 -7.82
C ASN A 331 20.55 6.63 -8.92
N SER A 332 19.85 5.71 -9.57
CA SER A 332 18.85 6.05 -10.56
C SER A 332 17.79 4.97 -10.56
N PHE A 333 16.62 5.30 -11.11
CA PHE A 333 15.53 4.33 -11.11
C PHE A 333 14.58 4.61 -12.27
N TYR A 334 13.91 3.54 -12.72
CA TYR A 334 12.90 3.61 -13.75
C TYR A 334 11.53 3.48 -13.11
N LYS A 335 10.55 4.20 -13.66
CA LYS A 335 9.24 4.31 -13.02
C LYS A 335 8.22 4.75 -14.06
N ILE A 336 7.02 4.18 -13.99
CA ILE A 336 5.97 4.52 -14.94
C ILE A 336 5.30 5.81 -14.51
N ILE A 337 5.28 6.79 -15.42
CA ILE A 337 4.73 8.12 -15.17
C ILE A 337 3.76 8.42 -16.31
N SER A 338 2.77 9.25 -16.02
CA SER A 338 1.91 9.79 -17.06
C SER A 338 2.63 10.95 -17.74
N ASN A 339 2.93 10.79 -19.03
CA ASN A 339 3.72 11.79 -19.73
C ASN A 339 2.88 13.03 -20.06
N GLU A 340 3.52 14.00 -20.71
CA GLU A 340 2.86 15.26 -21.06
C GLU A 340 1.66 15.03 -21.98
N GLU A 341 1.64 13.92 -22.71
CA GLU A 341 0.59 13.60 -23.65
C GLU A 341 -0.63 12.95 -22.99
N GLY A 342 -0.49 12.47 -21.76
CA GLY A 342 -1.56 11.75 -21.10
C GLY A 342 -1.45 10.24 -21.14
N TYR A 343 -0.30 9.70 -21.52
CA TYR A 343 -0.08 8.27 -21.64
C TYR A 343 1.00 7.85 -20.65
N ARG A 344 0.83 6.66 -20.07
CA ARG A 344 1.74 6.18 -19.04
C ARG A 344 2.93 5.47 -19.68
N HIS A 345 4.13 5.95 -19.37
CA HIS A 345 5.35 5.46 -19.99
C HIS A 345 6.47 5.47 -18.95
N ILE A 346 7.60 4.88 -19.32
CA ILE A 346 8.71 4.70 -18.40
C ILE A 346 9.57 5.96 -18.38
N CYS A 347 9.81 6.49 -17.18
CA CYS A 347 10.70 7.62 -16.99
C CYS A 347 11.93 7.17 -16.20
N TYR A 348 13.06 7.84 -16.46
CA TYR A 348 14.36 7.48 -15.90
C TYR A 348 14.82 8.62 -15.01
N PHE A 349 14.49 8.54 -13.71
CA PHE A 349 14.85 9.56 -12.75
C PHE A 349 16.29 9.35 -12.26
N GLN A 350 16.82 10.41 -11.64
CA GLN A 350 18.03 10.34 -10.85
C GLN A 350 17.66 10.71 -9.41
N ILE A 351 18.31 10.05 -8.45
CA ILE A 351 17.89 10.17 -7.05
C ILE A 351 17.96 11.61 -6.57
N ASP A 352 18.88 12.40 -7.12
CA ASP A 352 19.09 13.77 -6.66
C ASP A 352 18.85 14.82 -7.74
N LYS A 353 18.21 14.47 -8.85
CA LYS A 353 17.88 15.41 -9.90
C LYS A 353 16.38 15.38 -10.18
N LYS A 354 15.80 16.55 -10.38
CA LYS A 354 14.34 16.68 -10.41
C LYS A 354 13.74 16.00 -11.63
N ASP A 355 14.18 16.39 -12.82
CA ASP A 355 13.57 15.89 -14.05
C ASP A 355 13.87 14.40 -14.25
N CYS A 356 13.12 13.79 -15.16
CA CYS A 356 13.40 12.45 -15.63
C CYS A 356 13.34 12.45 -17.15
N THR A 357 13.75 11.32 -17.74
CA THR A 357 13.75 11.16 -19.19
C THR A 357 12.81 10.01 -19.55
N PHE A 358 11.78 10.31 -20.32
CA PHE A 358 10.91 9.26 -20.84
C PHE A 358 11.66 8.46 -21.90
N ILE A 359 11.74 7.15 -21.68
CA ILE A 359 12.43 6.25 -22.60
C ILE A 359 11.46 5.55 -23.55
N THR A 360 10.16 5.60 -23.27
CA THR A 360 9.13 5.15 -24.18
C THR A 360 8.12 6.27 -24.40
N LYS A 361 7.48 6.27 -25.57
CA LYS A 361 6.47 7.27 -25.87
C LYS A 361 5.59 6.74 -26.99
N GLY A 362 4.33 7.16 -26.96
CA GLY A 362 3.38 6.75 -27.98
C GLY A 362 1.96 6.82 -27.46
N THR A 363 1.03 6.42 -28.33
CA THR A 363 -0.38 6.35 -27.98
C THR A 363 -0.73 4.96 -27.46
N TRP A 364 -0.03 4.59 -26.39
CA TRP A 364 -0.22 3.33 -25.69
C TRP A 364 0.39 3.50 -24.31
N GLU A 365 0.14 2.54 -23.43
CA GLU A 365 0.64 2.60 -22.07
C GLU A 365 1.52 1.41 -21.76
N VAL A 366 2.60 1.66 -21.02
CA VAL A 366 3.40 0.58 -20.45
C VAL A 366 2.66 0.05 -19.23
N ILE A 367 2.32 -1.24 -19.27
CA ILE A 367 1.55 -1.84 -18.18
C ILE A 367 2.41 -2.02 -16.94
N GLY A 368 3.63 -2.53 -17.12
CA GLY A 368 4.53 -2.71 -15.99
C GLY A 368 5.95 -2.99 -16.38
N ILE A 369 6.89 -2.61 -15.51
CA ILE A 369 8.30 -2.95 -15.68
C ILE A 369 8.52 -4.32 -15.04
N GLU A 370 9.04 -5.26 -15.83
CA GLU A 370 9.14 -6.65 -15.40
C GLU A 370 10.54 -7.04 -14.94
N ALA A 371 11.59 -6.58 -15.64
CA ALA A 371 12.95 -6.92 -15.25
C ALA A 371 13.89 -5.83 -15.75
N LEU A 372 15.03 -5.69 -15.07
CA LEU A 372 15.98 -4.63 -15.39
C LEU A 372 17.39 -5.15 -15.18
N THR A 373 18.12 -5.38 -16.28
CA THR A 373 19.55 -5.64 -16.24
C THR A 373 20.29 -4.37 -16.63
N SER A 374 21.62 -4.43 -16.52
CA SER A 374 22.44 -3.26 -16.86
C SER A 374 22.38 -2.95 -18.35
N ASP A 375 22.09 -3.93 -19.20
CA ASP A 375 22.04 -3.72 -20.64
C ASP A 375 20.62 -3.58 -21.17
N TYR A 376 19.63 -4.21 -20.54
CA TYR A 376 18.28 -4.21 -21.06
C TYR A 376 17.27 -3.95 -19.95
N LEU A 377 16.18 -3.30 -20.32
CA LEU A 377 15.02 -3.11 -19.46
C LEU A 377 13.85 -3.83 -20.13
N TYR A 378 13.22 -4.74 -19.39
CA TYR A 378 12.13 -5.54 -19.91
C TYR A 378 10.79 -5.00 -19.38
N TYR A 379 9.88 -4.70 -20.30
CA TYR A 379 8.59 -4.12 -19.94
C TYR A 379 7.48 -4.83 -20.71
N ILE A 380 6.25 -4.64 -20.23
CA ILE A 380 5.06 -5.16 -20.88
C ILE A 380 4.15 -3.98 -21.21
N SER A 381 3.65 -3.95 -22.45
CA SER A 381 2.80 -2.86 -22.91
C SER A 381 1.71 -3.39 -23.81
N ASN A 382 0.70 -2.55 -24.05
CA ASN A 382 -0.42 -2.85 -24.94
C ASN A 382 -0.25 -2.18 -26.30
N GLU A 383 0.98 -2.12 -26.78
CA GLU A 383 1.30 -1.37 -28.00
C GLU A 383 0.95 -2.14 -29.27
N TYR A 384 1.14 -3.46 -29.26
CA TYR A 384 1.06 -4.26 -30.47
C TYR A 384 -0.30 -4.12 -31.14
N LYS A 385 -0.28 -3.87 -32.45
CA LYS A 385 -1.47 -3.71 -33.29
C LYS A 385 -2.43 -2.63 -32.77
N GLY A 386 -1.91 -1.70 -31.96
CA GLY A 386 -2.74 -0.64 -31.43
C GLY A 386 -3.92 -1.13 -30.60
N MET A 387 -3.75 -2.23 -29.88
CA MET A 387 -4.83 -2.84 -29.13
C MET A 387 -4.60 -2.68 -27.63
N PRO A 388 -5.39 -1.85 -26.94
CA PRO A 388 -5.26 -1.78 -25.48
C PRO A 388 -5.65 -3.07 -24.78
N GLY A 389 -6.41 -3.95 -25.44
CA GLY A 389 -6.86 -5.18 -24.83
C GLY A 389 -5.83 -6.29 -24.77
N GLY A 390 -4.69 -6.13 -25.44
CA GLY A 390 -3.64 -7.13 -25.41
C GLY A 390 -2.49 -6.73 -24.51
N ARG A 391 -1.57 -7.67 -24.32
CA ARG A 391 -0.35 -7.46 -23.56
C ARG A 391 0.79 -8.20 -24.24
N ASN A 392 1.96 -7.57 -24.31
CA ASN A 392 3.11 -8.19 -24.96
C ASN A 392 4.38 -7.74 -24.24
N LEU A 393 5.40 -8.59 -24.30
CA LEU A 393 6.68 -8.35 -23.63
C LEU A 393 7.65 -7.74 -24.62
N TYR A 394 8.17 -6.57 -24.27
CA TYR A 394 9.23 -5.90 -25.01
C TYR A 394 10.45 -5.72 -24.12
N LYS A 395 11.62 -5.63 -24.74
CA LYS A 395 12.82 -5.19 -24.05
C LYS A 395 13.39 -3.99 -24.80
N ILE A 396 13.93 -3.03 -24.05
CA ILE A 396 14.51 -1.82 -24.63
C ILE A 396 15.98 -1.80 -24.29
N GLN A 397 16.80 -1.39 -25.26
CA GLN A 397 18.24 -1.32 -25.08
C GLN A 397 18.59 -0.01 -24.38
N LEU A 398 19.24 -0.10 -23.23
CA LEU A 398 19.48 1.10 -22.42
C LEU A 398 20.54 2.01 -23.02
N SER A 399 21.41 1.48 -23.89
CA SER A 399 22.38 2.31 -24.58
C SER A 399 21.79 3.04 -25.78
N ASP A 400 20.59 2.67 -26.22
CA ASP A 400 19.94 3.34 -27.35
C ASP A 400 18.44 3.10 -27.18
N TYR A 401 17.73 4.12 -26.68
CA TYR A 401 16.32 3.98 -26.39
C TYR A 401 15.46 3.81 -27.64
N THR A 402 16.01 4.03 -28.83
CA THR A 402 15.25 3.83 -30.07
C THR A 402 15.20 2.37 -30.49
N LYS A 403 16.04 1.50 -29.91
CA LYS A 403 16.08 0.09 -30.27
C LYS A 403 15.24 -0.70 -29.27
N VAL A 404 14.05 -1.12 -29.70
CA VAL A 404 13.13 -1.88 -28.86
C VAL A 404 12.75 -3.16 -29.61
N THR A 405 12.58 -4.25 -28.86
CA THR A 405 12.33 -5.56 -29.44
C THR A 405 11.13 -6.19 -28.77
N CYS A 406 10.16 -6.65 -29.57
CA CYS A 406 9.05 -7.43 -29.05
C CYS A 406 9.45 -8.89 -28.99
N LEU A 407 9.26 -9.50 -27.82
CA LEU A 407 9.66 -10.89 -27.60
C LEU A 407 8.47 -11.85 -27.61
N SER A 408 7.24 -11.34 -27.62
CA SER A 408 6.05 -12.17 -27.59
C SER A 408 5.06 -11.90 -28.70
N CYS A 409 5.22 -10.80 -29.45
CA CYS A 409 4.22 -10.38 -30.43
C CYS A 409 3.86 -11.49 -31.41
N GLU A 410 4.85 -11.99 -32.13
CA GLU A 410 4.63 -12.90 -33.26
C GLU A 410 5.13 -14.32 -32.96
N LEU A 411 5.15 -14.71 -31.68
CA LEU A 411 5.42 -16.11 -31.36
C LEU A 411 4.31 -17.01 -31.89
N ASN A 412 3.06 -16.62 -31.66
CA ASN A 412 1.88 -17.29 -32.19
C ASN A 412 0.77 -16.25 -32.18
N PRO A 413 0.83 -15.26 -33.07
CA PRO A 413 -0.06 -14.09 -32.94
C PRO A 413 -1.54 -14.41 -33.13
N GLU A 414 -1.88 -15.53 -33.74
CA GLU A 414 -3.27 -15.95 -33.84
C GLU A 414 -3.82 -16.34 -32.47
N ARG A 415 -3.16 -17.31 -31.83
CA ARG A 415 -3.63 -17.86 -30.57
C ARG A 415 -3.27 -17.00 -29.37
N CYS A 416 -2.17 -16.25 -29.45
CA CYS A 416 -1.55 -15.68 -28.26
C CYS A 416 -1.39 -14.17 -28.42
N GLN A 417 -2.12 -13.41 -27.59
CA GLN A 417 -2.05 -11.96 -27.63
C GLN A 417 -2.00 -11.30 -26.25
N TYR A 418 -2.07 -12.07 -25.16
CA TYR A 418 -2.10 -11.53 -23.81
C TYR A 418 -1.05 -12.28 -22.99
N TYR A 419 0.07 -11.63 -22.72
CA TYR A 419 1.24 -12.29 -22.14
C TYR A 419 1.58 -11.71 -20.77
N SER A 420 1.97 -12.60 -19.86
CA SER A 420 2.66 -12.24 -18.62
C SER A 420 3.92 -13.09 -18.53
N VAL A 421 4.89 -12.61 -17.75
CA VAL A 421 6.23 -13.19 -17.77
C VAL A 421 6.72 -13.42 -16.35
N SER A 422 7.66 -14.36 -16.22
CA SER A 422 8.35 -14.64 -14.95
C SER A 422 9.81 -14.90 -15.27
N PHE A 423 10.69 -13.99 -14.85
CA PHE A 423 12.12 -14.11 -15.11
C PHE A 423 12.82 -14.89 -14.01
N SER A 424 14.02 -15.38 -14.34
CA SER A 424 14.91 -15.95 -13.34
C SER A 424 15.59 -14.83 -12.55
N LYS A 425 16.34 -15.22 -11.52
CA LYS A 425 16.84 -14.25 -10.55
C LYS A 425 17.87 -13.30 -11.14
N GLU A 426 18.54 -13.68 -12.23
CA GLU A 426 19.37 -12.75 -12.99
C GLU A 426 18.78 -12.41 -14.34
N ALA A 427 17.51 -12.77 -14.56
CA ALA A 427 16.85 -12.63 -15.86
C ALA A 427 17.64 -13.35 -16.96
N LYS A 428 18.14 -14.54 -16.63
CA LYS A 428 18.82 -15.37 -17.63
C LYS A 428 17.84 -16.23 -18.41
N TYR A 429 16.70 -16.56 -17.82
CA TYR A 429 15.62 -17.26 -18.49
C TYR A 429 14.31 -16.62 -18.08
N TYR A 430 13.30 -16.72 -18.94
CA TYR A 430 11.99 -16.15 -18.63
C TYR A 430 10.89 -17.03 -19.19
N GLN A 431 9.84 -17.20 -18.38
CA GLN A 431 8.67 -18.01 -18.75
C GLN A 431 7.55 -17.08 -19.20
N LEU A 432 7.08 -17.28 -20.42
CA LEU A 432 5.95 -16.53 -20.94
C LEU A 432 4.66 -17.29 -20.70
N ARG A 433 3.62 -16.56 -20.32
CA ARG A 433 2.30 -17.13 -20.08
C ARG A 433 1.30 -16.36 -20.94
N CYS A 434 0.70 -17.04 -21.90
CA CYS A 434 -0.23 -16.43 -22.85
C CYS A 434 -1.64 -16.83 -22.42
N SER A 435 -2.41 -15.85 -21.95
CA SER A 435 -3.72 -16.11 -21.37
C SER A 435 -4.86 -16.12 -22.40
N GLY A 436 -4.59 -15.69 -23.63
CA GLY A 436 -5.61 -15.66 -24.65
C GLY A 436 -5.10 -15.04 -25.93
N PRO A 437 -5.96 -14.97 -26.98
CA PRO A 437 -7.36 -15.43 -27.03
C PRO A 437 -7.49 -16.95 -27.08
N GLY A 438 -6.46 -17.65 -27.56
CA GLY A 438 -6.48 -19.10 -27.60
C GLY A 438 -6.25 -19.70 -26.24
N LEU A 439 -6.19 -21.03 -26.22
CA LEU A 439 -5.96 -21.75 -24.98
C LEU A 439 -4.62 -21.34 -24.38
N PRO A 440 -4.53 -21.23 -23.05
CA PRO A 440 -3.30 -20.73 -22.43
C PRO A 440 -2.09 -21.58 -22.80
N LEU A 441 -0.95 -20.90 -22.97
CA LEU A 441 0.28 -21.54 -23.46
C LEU A 441 1.45 -21.01 -22.65
N TYR A 442 2.12 -21.90 -21.94
CA TYR A 442 3.27 -21.56 -21.09
C TYR A 442 4.54 -22.09 -21.74
N THR A 443 5.55 -21.23 -21.86
CA THR A 443 6.77 -21.57 -22.58
C THR A 443 7.97 -20.99 -21.85
N LEU A 444 9.13 -21.60 -22.09
CA LEU A 444 10.41 -21.13 -21.54
C LEU A 444 11.26 -20.49 -22.63
N HIS A 445 12.07 -19.52 -22.22
CA HIS A 445 12.95 -18.81 -23.13
C HIS A 445 14.24 -18.46 -22.39
N SER A 446 15.30 -18.19 -23.17
CA SER A 446 16.60 -17.80 -22.64
C SER A 446 16.90 -16.38 -23.09
N SER A 447 17.17 -15.50 -22.11
CA SER A 447 17.16 -14.06 -22.38
C SER A 447 18.30 -13.62 -23.29
N VAL A 448 19.44 -14.32 -23.26
CA VAL A 448 20.61 -13.85 -24.02
C VAL A 448 20.31 -13.82 -25.51
N ASN A 449 19.47 -14.74 -26.00
CA ASN A 449 19.05 -14.76 -27.39
C ASN A 449 17.55 -14.63 -27.57
N ASP A 450 16.78 -14.62 -26.47
CA ASP A 450 15.32 -14.76 -26.53
C ASP A 450 14.93 -16.03 -27.27
N LYS A 451 15.79 -17.03 -27.18
CA LYS A 451 15.54 -18.33 -27.80
C LYS A 451 14.39 -19.04 -27.10
N GLY A 452 13.47 -19.58 -27.90
CA GLY A 452 12.41 -20.41 -27.35
C GLY A 452 12.91 -21.80 -27.01
N LEU A 453 13.00 -22.11 -25.71
CA LEU A 453 13.63 -23.36 -25.30
C LEU A 453 12.69 -24.54 -25.48
N ARG A 454 11.56 -24.55 -24.76
CA ARG A 454 10.64 -25.67 -24.84
C ARG A 454 9.24 -25.22 -24.42
N VAL A 455 8.25 -26.02 -24.80
CA VAL A 455 6.87 -25.80 -24.39
C VAL A 455 6.65 -26.41 -23.02
N LEU A 456 6.02 -25.65 -22.12
CA LEU A 456 5.79 -26.13 -20.76
C LEU A 456 4.40 -26.74 -20.64
N GLU A 457 3.36 -25.95 -20.90
CA GLU A 457 1.99 -26.44 -20.95
C GLU A 457 1.27 -25.77 -22.11
N ASP A 458 0.52 -26.56 -22.87
CA ASP A 458 -0.16 -26.06 -24.06
C ASP A 458 -1.65 -26.32 -24.04
N ASN A 459 -2.20 -26.85 -22.95
CA ASN A 459 -3.64 -27.04 -22.77
C ASN A 459 -4.27 -27.88 -23.88
N SER A 460 -3.46 -28.67 -24.59
CA SER A 460 -4.00 -29.55 -25.62
C SER A 460 -4.88 -30.64 -25.02
N ALA A 461 -4.69 -30.98 -23.74
CA ALA A 461 -5.61 -31.88 -23.06
C ALA A 461 -7.02 -31.32 -23.08
N LEU A 462 -7.16 -30.03 -22.75
CA LEU A 462 -8.46 -29.36 -22.86
C LEU A 462 -8.89 -29.24 -24.31
N ASP A 463 -7.94 -28.99 -25.21
CA ASP A 463 -8.28 -28.75 -26.62
C ASP A 463 -9.02 -29.95 -27.21
N LYS A 464 -8.54 -31.16 -26.93
CA LYS A 464 -9.22 -32.35 -27.42
C LYS A 464 -10.59 -32.51 -26.78
N MET A 465 -10.70 -32.21 -25.48
CA MET A 465 -11.99 -32.26 -24.81
C MET A 465 -12.98 -31.29 -25.45
N LEU A 466 -12.53 -30.07 -25.74
CA LEU A 466 -13.40 -29.01 -26.24
C LEU A 466 -13.86 -29.24 -27.68
N GLN A 467 -13.29 -30.23 -28.38
CA GLN A 467 -13.73 -30.51 -29.74
C GLN A 467 -15.18 -30.98 -29.77
N ASN A 468 -15.59 -31.76 -28.78
CA ASN A 468 -16.91 -32.37 -28.76
C ASN A 468 -18.01 -31.44 -28.24
N VAL A 469 -17.70 -30.16 -28.00
CA VAL A 469 -18.67 -29.22 -27.45
C VAL A 469 -18.69 -27.97 -28.33
N GLN A 470 -19.88 -27.40 -28.52
CA GLN A 470 -20.10 -26.23 -29.36
C GLN A 470 -19.67 -24.99 -28.58
N MET A 471 -18.43 -24.53 -28.82
CA MET A 471 -18.00 -23.36 -28.08
C MET A 471 -18.41 -22.07 -28.78
N PRO A 472 -18.63 -21.01 -28.01
CA PRO A 472 -18.87 -19.69 -28.62
C PRO A 472 -17.55 -19.04 -29.02
N SER A 473 -17.68 -17.97 -29.81
CA SER A 473 -16.55 -17.21 -30.29
C SER A 473 -16.56 -15.80 -29.69
N LYS A 474 -15.38 -15.19 -29.65
CA LYS A 474 -15.22 -13.87 -29.03
C LYS A 474 -14.83 -12.86 -30.11
N LYS A 475 -15.75 -11.93 -30.39
CA LYS A 475 -15.48 -10.78 -31.24
C LYS A 475 -14.96 -9.63 -30.37
N LEU A 476 -13.77 -9.13 -30.69
CA LEU A 476 -13.24 -7.95 -30.03
C LEU A 476 -12.98 -6.88 -31.08
N ASP A 477 -13.63 -5.73 -30.92
CA ASP A 477 -13.56 -4.66 -31.90
C ASP A 477 -13.70 -3.33 -31.15
N PHE A 478 -14.00 -2.27 -31.90
CA PHE A 478 -14.13 -0.94 -31.32
C PHE A 478 -15.16 -0.16 -32.11
N ILE A 479 -15.69 0.88 -31.48
CA ILE A 479 -16.53 1.86 -32.14
C ILE A 479 -15.98 3.24 -31.83
N ILE A 480 -16.31 4.20 -32.69
CA ILE A 480 -15.80 5.56 -32.60
C ILE A 480 -16.94 6.47 -32.18
N LEU A 481 -16.79 7.13 -31.03
CA LEU A 481 -17.69 8.17 -30.56
C LEU A 481 -16.88 9.43 -30.36
N ASN A 482 -17.28 10.52 -31.00
CA ASN A 482 -16.54 11.78 -30.96
C ASN A 482 -15.08 11.56 -31.37
N GLU A 483 -14.89 10.74 -32.39
CA GLU A 483 -13.57 10.42 -32.93
C GLU A 483 -12.62 9.89 -31.85
N THR A 484 -13.14 9.00 -31.00
CA THR A 484 -12.34 8.28 -30.02
C THR A 484 -12.71 6.81 -30.08
N LYS A 485 -11.70 5.95 -30.17
CA LYS A 485 -11.93 4.51 -30.23
C LYS A 485 -12.31 3.99 -28.84
N PHE A 486 -13.54 3.50 -28.72
CA PHE A 486 -14.01 2.86 -27.49
C PHE A 486 -14.24 1.39 -27.77
N TRP A 487 -13.57 0.54 -27.00
CA TRP A 487 -13.46 -0.87 -27.35
C TRP A 487 -14.57 -1.69 -26.68
N TYR A 488 -14.85 -2.84 -27.27
CA TYR A 488 -15.92 -3.71 -26.79
C TYR A 488 -15.62 -5.13 -27.23
N GLN A 489 -16.26 -6.09 -26.56
CA GLN A 489 -16.14 -7.49 -26.91
C GLN A 489 -17.53 -8.13 -26.92
N MET A 490 -17.64 -9.25 -27.63
CA MET A 490 -18.92 -9.93 -27.82
C MET A 490 -18.70 -11.43 -27.81
N ILE A 491 -19.28 -12.12 -26.83
CA ILE A 491 -19.32 -13.57 -26.83
C ILE A 491 -20.49 -14.00 -27.71
N LEU A 492 -20.19 -14.48 -28.91
CA LEU A 492 -21.19 -14.83 -29.91
C LEU A 492 -21.48 -16.32 -29.85
N PRO A 493 -22.75 -16.72 -29.83
CA PRO A 493 -23.09 -18.15 -29.74
C PRO A 493 -22.51 -18.92 -30.91
N PRO A 494 -22.34 -20.24 -30.78
CA PRO A 494 -21.83 -21.04 -31.89
C PRO A 494 -22.81 -21.03 -33.06
N HIS A 495 -22.26 -21.21 -34.26
CA HIS A 495 -23.05 -21.13 -35.50
C HIS A 495 -23.78 -19.79 -35.58
N PHE A 496 -23.09 -18.73 -35.14
CA PHE A 496 -23.70 -17.41 -35.08
C PHE A 496 -24.12 -16.95 -36.46
N ASP A 497 -25.38 -16.52 -36.58
CA ASP A 497 -25.97 -16.12 -37.85
C ASP A 497 -26.32 -14.65 -37.72
N LYS A 498 -25.57 -13.79 -38.41
CA LYS A 498 -25.74 -12.34 -38.27
C LYS A 498 -27.02 -11.84 -38.91
N SER A 499 -27.76 -12.69 -39.63
CA SER A 499 -29.09 -12.34 -40.10
C SER A 499 -30.18 -12.59 -39.07
N LYS A 500 -29.86 -13.26 -37.96
CA LYS A 500 -30.81 -13.45 -36.87
C LYS A 500 -30.64 -12.36 -35.81
N LYS A 501 -31.70 -12.12 -35.06
CA LYS A 501 -31.73 -11.10 -34.02
C LYS A 501 -31.74 -11.79 -32.66
N TYR A 502 -30.53 -11.82 -32.00
CA TYR A 502 -30.31 -12.48 -30.72
C TYR A 502 -30.63 -11.55 -29.55
N PRO A 503 -31.04 -12.10 -28.41
CA PRO A 503 -31.04 -11.30 -27.18
C PRO A 503 -29.62 -11.03 -26.73
N LEU A 504 -29.44 -9.90 -26.05
CA LEU A 504 -28.12 -9.47 -25.61
C LEU A 504 -28.13 -9.25 -24.10
N LEU A 505 -26.98 -9.49 -23.48
CA LEU A 505 -26.82 -9.32 -22.04
C LEU A 505 -25.52 -8.56 -21.82
N LEU A 506 -25.62 -7.35 -21.27
CA LEU A 506 -24.48 -6.44 -21.15
C LEU A 506 -23.76 -6.72 -19.84
N ASP A 507 -22.55 -7.27 -19.94
CA ASP A 507 -21.70 -7.54 -18.78
C ASP A 507 -20.85 -6.30 -18.52
N VAL A 508 -21.14 -5.60 -17.43
CA VAL A 508 -20.63 -4.26 -17.19
C VAL A 508 -19.87 -4.20 -15.87
N TYR A 509 -18.71 -3.54 -15.88
CA TYR A 509 -18.06 -3.08 -14.66
C TYR A 509 -17.92 -1.57 -14.62
N ALA A 510 -17.26 -0.97 -15.63
CA ALA A 510 -17.14 0.47 -15.82
C ALA A 510 -16.40 1.19 -14.70
N GLY A 511 -15.72 0.46 -13.81
CA GLY A 511 -14.95 1.08 -12.75
C GLY A 511 -13.80 1.90 -13.29
N PRO A 512 -13.37 2.92 -12.55
CA PRO A 512 -12.23 3.74 -13.01
C PRO A 512 -11.01 2.87 -13.23
N CYS A 513 -10.47 2.93 -14.46
CA CYS A 513 -9.32 2.16 -14.92
C CYS A 513 -9.65 0.68 -15.11
N SER A 514 -10.93 0.34 -15.29
CA SER A 514 -11.29 -1.03 -15.60
C SER A 514 -11.04 -1.33 -17.07
N GLN A 515 -11.04 -2.62 -17.41
CA GLN A 515 -10.93 -3.06 -18.80
C GLN A 515 -11.66 -4.39 -18.92
N LYS A 516 -12.89 -4.35 -19.41
CA LYS A 516 -13.69 -5.55 -19.64
C LYS A 516 -13.69 -5.99 -21.10
N ALA A 517 -12.87 -5.34 -21.94
CA ALA A 517 -12.75 -5.68 -23.36
C ALA A 517 -11.27 -5.98 -23.63
N ASP A 518 -10.88 -7.23 -23.42
CA ASP A 518 -9.51 -7.68 -23.61
C ASP A 518 -9.51 -8.94 -24.47
N THR A 519 -8.33 -9.51 -24.66
CA THR A 519 -8.14 -10.67 -25.51
C THR A 519 -8.15 -11.99 -24.75
N VAL A 520 -8.42 -11.97 -23.44
CA VAL A 520 -8.17 -13.14 -22.61
C VAL A 520 -9.20 -14.23 -22.89
N PHE A 521 -8.75 -15.48 -22.74
CA PHE A 521 -9.60 -16.66 -22.89
C PHE A 521 -10.28 -16.99 -21.55
N ARG A 522 -11.59 -17.21 -21.58
CA ARG A 522 -12.35 -17.46 -20.36
C ARG A 522 -13.44 -18.49 -20.58
N LEU A 523 -13.55 -19.42 -19.64
CA LEU A 523 -14.72 -20.29 -19.47
C LEU A 523 -15.48 -19.83 -18.24
N ASN A 524 -16.65 -19.25 -18.46
CA ASN A 524 -17.39 -18.63 -17.37
C ASN A 524 -18.87 -18.61 -17.71
N TRP A 525 -19.64 -17.88 -16.90
CA TRP A 525 -21.09 -17.83 -17.05
C TRP A 525 -21.51 -17.30 -18.42
N ALA A 526 -20.69 -16.43 -19.02
CA ALA A 526 -20.99 -15.94 -20.36
C ALA A 526 -20.90 -17.06 -21.39
N THR A 527 -19.96 -17.99 -21.22
CA THR A 527 -19.83 -19.10 -22.15
C THR A 527 -21.08 -19.99 -22.11
N TYR A 528 -21.62 -20.23 -20.90
CA TYR A 528 -22.88 -20.94 -20.79
C TYR A 528 -24.00 -20.21 -21.51
N LEU A 529 -24.14 -18.90 -21.24
CA LEU A 529 -25.23 -18.12 -21.79
C LEU A 529 -25.21 -18.09 -23.31
N ALA A 530 -24.01 -18.13 -23.90
CA ALA A 530 -23.90 -18.12 -25.36
C ALA A 530 -24.09 -19.52 -25.93
N SER A 531 -23.28 -20.48 -25.47
CA SER A 531 -23.30 -21.82 -26.06
C SER A 531 -24.65 -22.51 -25.85
N THR A 532 -25.20 -22.42 -24.64
CA THR A 532 -26.40 -23.16 -24.31
C THR A 532 -27.67 -22.34 -24.52
N GLU A 533 -27.66 -21.07 -24.14
CA GLU A 533 -28.88 -20.25 -24.15
C GLU A 533 -28.92 -19.25 -25.30
N ASN A 534 -27.93 -19.25 -26.20
CA ASN A 534 -27.97 -18.44 -27.42
C ASN A 534 -28.13 -16.95 -27.11
N ILE A 535 -27.36 -16.46 -26.14
CA ILE A 535 -27.39 -15.07 -25.72
C ILE A 535 -26.04 -14.44 -26.01
N ILE A 536 -26.05 -13.27 -26.65
CA ILE A 536 -24.84 -12.51 -26.88
C ILE A 536 -24.50 -11.76 -25.59
N VAL A 537 -23.32 -12.06 -25.04
CA VAL A 537 -22.79 -11.34 -23.89
C VAL A 537 -21.78 -10.33 -24.39
N ALA A 538 -21.93 -9.08 -23.98
CA ALA A 538 -21.10 -7.99 -24.48
C ALA A 538 -20.59 -7.13 -23.32
N SER A 539 -19.36 -6.66 -23.47
CA SER A 539 -18.74 -5.75 -22.51
C SER A 539 -18.18 -4.56 -23.27
N PHE A 540 -18.09 -3.42 -22.59
CA PHE A 540 -17.72 -2.16 -23.22
C PHE A 540 -16.77 -1.38 -22.32
N ASP A 541 -15.84 -0.68 -22.95
CA ASP A 541 -14.84 0.12 -22.25
C ASP A 541 -15.02 1.59 -22.67
N GLY A 542 -15.77 2.35 -21.87
CA GLY A 542 -16.05 3.73 -22.15
C GLY A 542 -15.19 4.68 -21.35
N ARG A 543 -15.69 5.90 -21.18
CA ARG A 543 -14.96 6.91 -20.44
C ARG A 543 -14.76 6.47 -19.00
N GLY A 544 -13.52 6.61 -18.51
CA GLY A 544 -13.12 6.08 -17.23
C GLY A 544 -12.31 4.80 -17.32
N SER A 545 -12.45 4.03 -18.40
CA SER A 545 -11.66 2.83 -18.59
C SER A 545 -10.19 3.19 -18.79
N GLY A 546 -9.31 2.44 -18.14
CA GLY A 546 -7.88 2.70 -18.20
C GLY A 546 -7.22 2.02 -19.38
N TYR A 547 -5.89 2.17 -19.43
CA TYR A 547 -4.99 1.61 -20.43
C TYR A 547 -5.21 2.24 -21.80
N GLN A 548 -6.08 3.24 -21.91
CA GLN A 548 -6.36 3.92 -23.18
C GLN A 548 -5.93 5.37 -23.16
N GLY A 549 -5.18 5.79 -22.15
CA GLY A 549 -4.80 7.17 -21.96
C GLY A 549 -5.55 7.84 -20.82
N ASP A 550 -4.98 8.94 -20.32
CA ASP A 550 -5.60 9.65 -19.21
C ASP A 550 -6.79 10.49 -19.66
N LYS A 551 -6.83 10.93 -20.91
CA LYS A 551 -8.01 11.63 -21.41
C LYS A 551 -9.27 10.79 -21.25
N ILE A 552 -9.15 9.48 -21.40
CA ILE A 552 -10.30 8.58 -21.24
C ILE A 552 -10.48 8.22 -19.77
N MET A 553 -9.38 7.87 -19.09
CA MET A 553 -9.50 7.35 -17.73
C MET A 553 -9.90 8.43 -16.73
N HIS A 554 -9.37 9.64 -16.88
CA HIS A 554 -9.69 10.74 -15.98
C HIS A 554 -10.96 11.48 -16.37
N ALA A 555 -11.69 10.98 -17.37
CA ALA A 555 -12.91 11.65 -17.82
C ALA A 555 -14.02 11.64 -16.77
N ILE A 556 -13.97 10.71 -15.81
CA ILE A 556 -15.00 10.60 -14.78
C ILE A 556 -14.55 11.19 -13.45
N ASN A 557 -13.47 11.98 -13.45
CA ASN A 557 -12.93 12.51 -12.21
C ASN A 557 -13.97 13.38 -11.50
N ARG A 558 -14.18 13.08 -10.22
CA ARG A 558 -15.17 13.74 -9.35
C ARG A 558 -16.59 13.62 -9.88
N ARG A 559 -16.84 12.75 -10.85
CA ARG A 559 -18.16 12.58 -11.45
C ARG A 559 -18.47 11.11 -11.67
N LEU A 560 -18.27 10.29 -10.64
CA LEU A 560 -18.62 8.89 -10.73
C LEU A 560 -20.11 8.72 -11.01
N GLY A 561 -20.45 7.75 -11.86
CA GLY A 561 -21.82 7.52 -12.23
C GLY A 561 -22.41 8.52 -13.18
N THR A 562 -21.58 9.18 -14.01
CA THR A 562 -22.08 10.11 -15.01
C THR A 562 -21.79 9.65 -16.44
N PHE A 563 -20.51 9.46 -16.80
CA PHE A 563 -20.18 9.15 -18.18
C PHE A 563 -20.20 7.66 -18.46
N GLU A 564 -19.54 6.87 -17.60
CA GLU A 564 -19.51 5.42 -17.78
C GLU A 564 -20.91 4.82 -17.73
N VAL A 565 -21.86 5.48 -17.08
CA VAL A 565 -23.25 5.01 -17.10
C VAL A 565 -23.89 5.28 -18.46
N GLU A 566 -23.71 6.50 -18.98
CA GLU A 566 -24.22 6.81 -20.32
C GLU A 566 -23.54 5.95 -21.37
N ASP A 567 -22.22 5.79 -21.27
CA ASP A 567 -21.46 5.10 -22.30
C ASP A 567 -21.87 3.65 -22.42
N GLN A 568 -22.25 3.01 -21.31
CA GLN A 568 -22.76 1.65 -21.39
C GLN A 568 -24.15 1.61 -22.02
N ILE A 569 -24.95 2.66 -21.82
CA ILE A 569 -26.24 2.74 -22.50
C ILE A 569 -26.04 2.97 -23.99
N GLU A 570 -25.08 3.82 -24.36
CA GLU A 570 -24.79 4.04 -25.77
C GLU A 570 -24.27 2.77 -26.43
N ALA A 571 -23.42 2.02 -25.72
CA ALA A 571 -22.93 0.74 -26.25
C ALA A 571 -24.07 -0.18 -26.60
N ALA A 572 -25.09 -0.26 -25.73
CA ALA A 572 -26.27 -1.06 -26.03
C ALA A 572 -26.98 -0.55 -27.29
N ARG A 573 -27.08 0.78 -27.43
CA ARG A 573 -27.70 1.34 -28.62
C ARG A 573 -26.90 0.99 -29.88
N GLN A 574 -25.58 1.11 -29.80
CA GLN A 574 -24.74 0.76 -30.94
C GLN A 574 -24.92 -0.70 -31.32
N PHE A 575 -24.96 -1.58 -30.33
CA PHE A 575 -25.14 -3.00 -30.60
C PHE A 575 -26.52 -3.29 -31.17
N SER A 576 -27.56 -2.64 -30.64
CA SER A 576 -28.91 -2.89 -31.11
C SER A 576 -29.09 -2.42 -32.55
N LYS A 577 -28.49 -1.30 -32.92
CA LYS A 577 -28.58 -0.81 -34.28
C LYS A 577 -27.63 -1.52 -35.24
N MET A 578 -26.75 -2.40 -34.73
CA MET A 578 -25.96 -3.25 -35.62
C MET A 578 -26.86 -4.18 -36.43
N GLY A 579 -27.92 -4.69 -35.81
CA GLY A 579 -28.96 -5.41 -36.50
C GLY A 579 -29.21 -6.82 -36.00
N PHE A 580 -28.15 -7.53 -35.63
CA PHE A 580 -28.29 -8.91 -35.19
C PHE A 580 -28.70 -9.03 -33.73
N VAL A 581 -29.21 -7.95 -33.13
CA VAL A 581 -29.60 -7.92 -31.73
C VAL A 581 -31.08 -7.61 -31.64
N ASP A 582 -31.81 -8.43 -30.88
CA ASP A 582 -33.22 -8.19 -30.61
C ASP A 582 -33.33 -7.11 -29.54
N ASN A 583 -33.75 -5.91 -29.93
CA ASN A 583 -33.83 -4.79 -28.99
C ASN A 583 -34.97 -4.93 -27.99
N LYS A 584 -35.88 -5.89 -28.19
CA LYS A 584 -36.87 -6.17 -27.16
C LYS A 584 -36.24 -6.83 -25.93
N ARG A 585 -35.10 -7.51 -26.11
CA ARG A 585 -34.48 -8.31 -25.06
C ARG A 585 -33.02 -7.90 -24.93
N ILE A 586 -32.77 -6.84 -24.18
CA ILE A 586 -31.42 -6.37 -23.86
C ILE A 586 -31.34 -6.20 -22.36
N ALA A 587 -30.41 -6.91 -21.72
CA ALA A 587 -30.26 -6.90 -20.27
C ALA A 587 -28.88 -6.43 -19.88
N ILE A 588 -28.64 -6.29 -18.58
CA ILE A 588 -27.39 -5.74 -18.05
C ILE A 588 -27.15 -6.34 -16.67
N TRP A 589 -25.87 -6.60 -16.35
CA TRP A 589 -25.50 -7.29 -15.11
C TRP A 589 -24.10 -6.87 -14.69
N GLY A 590 -23.90 -6.72 -13.38
CA GLY A 590 -22.63 -6.29 -12.83
C GLY A 590 -22.52 -6.64 -11.35
N TRP A 591 -21.30 -6.54 -10.82
CA TRP A 591 -21.02 -7.10 -9.50
C TRP A 591 -20.65 -6.07 -8.43
N SER A 592 -19.62 -5.22 -8.62
CA SER A 592 -19.28 -4.29 -7.54
C SER A 592 -19.44 -2.85 -7.97
N TYR A 593 -18.68 -2.38 -8.95
CA TYR A 593 -19.00 -1.14 -9.63
C TYR A 593 -19.98 -1.40 -10.77
N GLY A 594 -19.92 -2.62 -11.33
CA GLY A 594 -20.92 -3.02 -12.30
C GLY A 594 -22.31 -3.08 -11.71
N GLY A 595 -22.42 -3.53 -10.46
CA GLY A 595 -23.71 -3.49 -9.79
C GLY A 595 -24.22 -2.08 -9.60
N TYR A 596 -23.33 -1.16 -9.23
CA TYR A 596 -23.69 0.25 -9.14
C TYR A 596 -24.14 0.78 -10.50
N VAL A 597 -23.36 0.52 -11.55
CA VAL A 597 -23.70 1.03 -12.87
C VAL A 597 -24.96 0.35 -13.40
N THR A 598 -25.11 -0.95 -13.16
CA THR A 598 -26.31 -1.67 -13.60
C THR A 598 -27.57 -1.03 -13.02
N SER A 599 -27.53 -0.73 -11.72
CA SER A 599 -28.67 -0.07 -11.09
C SER A 599 -28.87 1.34 -11.63
N MET A 600 -27.78 2.09 -11.80
CA MET A 600 -27.89 3.45 -12.34
C MET A 600 -28.46 3.43 -13.76
N VAL A 601 -28.03 2.47 -14.58
CA VAL A 601 -28.55 2.34 -15.94
C VAL A 601 -30.04 2.01 -15.90
N LEU A 602 -30.44 1.10 -15.00
CA LEU A 602 -31.85 0.72 -14.92
C LEU A 602 -32.71 1.86 -14.37
N GLY A 603 -32.14 2.70 -13.51
CA GLY A 603 -32.82 3.88 -13.04
C GLY A 603 -32.67 5.09 -13.94
N SER A 604 -32.02 4.94 -15.09
CA SER A 604 -31.80 6.06 -16.00
C SER A 604 -33.02 6.39 -16.84
N GLY A 605 -33.99 5.48 -16.94
CA GLY A 605 -35.15 5.73 -17.77
C GLY A 605 -34.87 5.79 -19.25
N SER A 606 -33.75 5.21 -19.70
CA SER A 606 -33.42 5.19 -21.11
C SER A 606 -34.41 4.36 -21.93
N GLY A 607 -35.13 3.44 -21.29
CA GLY A 607 -36.01 2.54 -22.00
C GLY A 607 -35.29 1.49 -22.82
N VAL A 608 -33.98 1.40 -22.69
CA VAL A 608 -33.18 0.55 -23.58
C VAL A 608 -33.14 -0.88 -23.06
N PHE A 609 -33.04 -1.05 -21.74
CA PHE A 609 -32.85 -2.36 -21.13
C PHE A 609 -34.17 -2.85 -20.54
N LYS A 610 -34.56 -4.08 -20.90
CA LYS A 610 -35.77 -4.67 -20.33
C LYS A 610 -35.57 -5.00 -18.85
N CYS A 611 -34.46 -5.64 -18.52
CA CYS A 611 -34.24 -6.13 -17.17
C CYS A 611 -32.75 -6.07 -16.84
N GLY A 612 -32.47 -6.07 -15.55
CA GLY A 612 -31.10 -6.05 -15.09
C GLY A 612 -30.98 -6.69 -13.72
N ILE A 613 -29.77 -7.14 -13.40
CA ILE A 613 -29.49 -7.82 -12.15
C ILE A 613 -28.20 -7.25 -11.57
N ALA A 614 -28.26 -6.83 -10.31
CA ALA A 614 -27.12 -6.21 -9.64
C ALA A 614 -26.82 -6.98 -8.36
N VAL A 615 -25.61 -7.51 -8.28
CA VAL A 615 -25.10 -8.16 -7.08
C VAL A 615 -24.26 -7.14 -6.34
N ALA A 616 -24.26 -7.22 -5.00
CA ALA A 616 -23.43 -6.44 -4.07
C ALA A 616 -23.11 -5.04 -4.58
N PRO A 617 -24.11 -4.23 -4.93
CA PRO A 617 -23.82 -2.96 -5.60
C PRO A 617 -23.61 -1.81 -4.62
N VAL A 618 -22.73 -0.89 -5.03
CA VAL A 618 -22.67 0.41 -4.36
C VAL A 618 -23.91 1.20 -4.73
N SER A 619 -24.50 1.86 -3.74
CA SER A 619 -25.71 2.65 -3.95
C SER A 619 -25.50 4.13 -3.73
N ARG A 620 -24.70 4.50 -2.75
CA ARG A 620 -24.34 5.88 -2.48
C ARG A 620 -22.88 5.90 -2.07
N TRP A 621 -22.10 6.79 -2.69
CA TRP A 621 -20.65 6.73 -2.53
C TRP A 621 -20.19 7.12 -1.13
N GLU A 622 -21.06 7.72 -0.34
CA GLU A 622 -20.76 7.99 1.06
C GLU A 622 -20.77 6.72 1.92
N TYR A 623 -21.27 5.61 1.39
CA TYR A 623 -21.25 4.34 2.10
C TYR A 623 -19.97 3.54 1.89
N TYR A 624 -19.13 3.91 0.93
CA TYR A 624 -17.96 3.12 0.62
C TYR A 624 -16.73 3.72 1.29
N ASP A 625 -15.63 2.94 1.28
CA ASP A 625 -14.46 3.31 2.05
C ASP A 625 -13.81 4.58 1.50
N SER A 626 -13.02 5.23 2.37
CA SER A 626 -12.47 6.54 2.03
C SER A 626 -11.43 6.45 0.91
N VAL A 627 -10.47 5.55 1.04
CA VAL A 627 -9.31 5.55 0.14
C VAL A 627 -9.76 5.40 -1.31
N TYR A 628 -10.68 4.48 -1.58
CA TYR A 628 -11.14 4.28 -2.94
C TYR A 628 -12.05 5.41 -3.39
N THR A 629 -13.11 5.69 -2.63
CA THR A 629 -14.10 6.67 -3.06
C THR A 629 -13.48 8.06 -3.21
N GLU A 630 -12.67 8.47 -2.23
CA GLU A 630 -12.09 9.80 -2.27
C GLU A 630 -11.09 9.96 -3.40
N ARG A 631 -10.43 8.86 -3.81
CA ARG A 631 -9.53 8.91 -4.96
C ARG A 631 -10.23 9.51 -6.18
N TYR A 632 -11.50 9.18 -6.36
CA TYR A 632 -12.25 9.58 -7.55
C TYR A 632 -13.25 10.68 -7.29
N MET A 633 -13.71 10.85 -6.04
CA MET A 633 -14.82 11.73 -5.71
C MET A 633 -14.44 12.92 -4.84
N GLY A 634 -13.26 12.91 -4.22
CA GLY A 634 -12.93 13.94 -3.25
C GLY A 634 -13.64 13.69 -1.93
N LEU A 635 -13.77 14.78 -1.14
CA LEU A 635 -14.48 14.63 0.13
C LEU A 635 -15.94 15.02 -0.02
N PRO A 636 -16.83 14.36 0.72
CA PRO A 636 -18.26 14.74 0.72
C PRO A 636 -18.57 15.89 1.68
N THR A 637 -17.88 17.00 1.49
CA THR A 637 -18.13 18.23 2.22
C THR A 637 -18.67 19.29 1.27
N PRO A 638 -19.43 20.27 1.78
CA PRO A 638 -19.93 21.34 0.89
C PRO A 638 -18.82 22.09 0.19
N GLU A 639 -17.64 22.15 0.80
CA GLU A 639 -16.51 22.84 0.17
C GLU A 639 -15.92 22.02 -0.99
N ASP A 640 -15.94 20.68 -0.89
CA ASP A 640 -15.28 19.89 -1.93
C ASP A 640 -16.21 19.35 -3.01
N ASN A 641 -17.03 18.35 -2.69
CA ASN A 641 -17.78 17.68 -3.74
C ASN A 641 -19.15 17.15 -3.30
N LEU A 642 -19.68 17.54 -2.14
CA LEU A 642 -20.86 16.89 -1.59
C LEU A 642 -22.04 16.91 -2.56
N ASP A 643 -22.13 17.94 -3.40
CA ASP A 643 -23.29 18.07 -4.29
C ASP A 643 -23.41 16.87 -5.23
N HIS A 644 -22.28 16.43 -5.81
CA HIS A 644 -22.33 15.25 -6.66
C HIS A 644 -22.41 13.96 -5.85
N TYR A 645 -21.83 13.94 -4.65
CA TYR A 645 -22.02 12.80 -3.76
C TYR A 645 -23.51 12.52 -3.56
N ARG A 646 -24.30 13.59 -3.48
CA ARG A 646 -25.75 13.47 -3.36
C ARG A 646 -26.40 13.05 -4.68
N ASN A 647 -25.97 13.69 -5.78
CA ASN A 647 -26.60 13.50 -7.11
C ASN A 647 -25.97 12.31 -7.84
N SER A 648 -25.43 11.33 -7.11
CA SER A 648 -24.92 10.11 -7.70
C SER A 648 -25.45 8.84 -7.03
N THR A 649 -26.59 8.92 -6.36
CA THR A 649 -27.10 7.77 -5.64
C THR A 649 -28.09 6.98 -6.49
N VAL A 650 -28.08 5.65 -6.29
CA VAL A 650 -29.06 4.79 -6.93
C VAL A 650 -30.45 5.05 -6.35
N MET A 651 -30.53 5.30 -5.05
CA MET A 651 -31.81 5.55 -4.38
C MET A 651 -32.52 6.75 -5.01
N SER A 652 -31.77 7.73 -5.50
CA SER A 652 -32.36 8.89 -6.16
C SER A 652 -33.19 8.52 -7.38
N ARG A 653 -32.91 7.36 -7.99
CA ARG A 653 -33.53 6.98 -9.26
C ARG A 653 -34.63 5.93 -9.09
N ALA A 654 -35.12 5.72 -7.87
CA ALA A 654 -36.03 4.61 -7.60
C ALA A 654 -37.28 4.67 -8.46
N GLU A 655 -37.75 5.88 -8.78
CA GLU A 655 -38.94 6.03 -9.62
C GLU A 655 -38.81 5.29 -10.95
N ASN A 656 -37.63 5.32 -11.55
CA ASN A 656 -37.44 4.84 -12.91
C ASN A 656 -37.25 3.34 -12.99
N PHE A 657 -37.24 2.62 -11.87
CA PHE A 657 -37.29 1.16 -11.91
C PHE A 657 -38.68 0.63 -12.18
N LYS A 658 -39.69 1.51 -12.22
CA LYS A 658 -41.04 1.09 -12.58
C LYS A 658 -41.11 0.57 -14.01
N GLN A 659 -40.12 0.89 -14.83
CA GLN A 659 -40.10 0.47 -16.24
C GLN A 659 -39.36 -0.83 -16.46
N VAL A 660 -38.56 -1.30 -15.51
CA VAL A 660 -37.64 -2.41 -15.73
C VAL A 660 -37.96 -3.53 -14.75
N GLU A 661 -37.42 -4.71 -15.05
CA GLU A 661 -37.42 -5.85 -14.13
C GLU A 661 -36.05 -5.93 -13.46
N TYR A 662 -36.04 -5.90 -12.14
CA TYR A 662 -34.82 -5.71 -11.37
C TYR A 662 -34.63 -6.87 -10.41
N LEU A 663 -33.39 -7.34 -10.28
CA LEU A 663 -33.04 -8.35 -9.29
C LEU A 663 -31.84 -7.86 -8.49
N LEU A 664 -32.01 -7.77 -7.17
CA LEU A 664 -31.00 -7.26 -6.26
C LEU A 664 -30.48 -8.40 -5.40
N ILE A 665 -29.16 -8.59 -5.39
CA ILE A 665 -28.53 -9.70 -4.68
C ILE A 665 -27.38 -9.16 -3.84
N HIS A 666 -27.28 -9.64 -2.60
CA HIS A 666 -26.26 -9.14 -1.68
C HIS A 666 -26.03 -10.15 -0.57
N GLY A 667 -24.78 -10.21 -0.09
CA GLY A 667 -24.43 -11.08 1.01
C GLY A 667 -24.55 -10.38 2.35
N THR A 668 -25.07 -11.10 3.34
CA THR A 668 -25.34 -10.50 4.64
C THR A 668 -24.09 -10.25 5.47
N ALA A 669 -22.96 -10.83 5.11
CA ALA A 669 -21.70 -10.64 5.83
C ALA A 669 -20.65 -10.00 4.92
N ASP A 670 -21.07 -9.01 4.14
CA ASP A 670 -20.19 -8.35 3.17
C ASP A 670 -19.37 -7.29 3.91
N ASP A 671 -18.07 -7.53 4.02
CA ASP A 671 -17.19 -6.58 4.71
C ASP A 671 -16.83 -5.37 3.87
N ASN A 672 -17.07 -5.41 2.56
CA ASN A 672 -16.51 -4.42 1.64
C ASN A 672 -17.59 -3.49 1.09
N VAL A 673 -18.58 -4.03 0.40
CA VAL A 673 -19.76 -3.27 -0.01
C VAL A 673 -20.86 -3.76 0.92
N HIS A 674 -21.04 -3.05 2.03
CA HIS A 674 -21.83 -3.57 3.13
C HIS A 674 -23.27 -3.81 2.68
N PHE A 675 -23.94 -4.74 3.36
CA PHE A 675 -25.33 -5.04 3.02
C PHE A 675 -26.20 -3.80 3.14
N GLN A 676 -25.78 -2.84 3.97
CA GLN A 676 -26.41 -1.52 4.04
C GLN A 676 -26.74 -0.95 2.67
N GLN A 677 -25.79 -1.06 1.72
CA GLN A 677 -25.98 -0.45 0.42
C GLN A 677 -27.21 -1.00 -0.30
N SER A 678 -27.35 -2.32 -0.34
CA SER A 678 -28.52 -2.92 -0.97
C SER A 678 -29.77 -2.74 -0.11
N ALA A 679 -29.61 -2.70 1.21
CA ALA A 679 -30.75 -2.48 2.09
C ALA A 679 -31.41 -1.13 1.80
N GLN A 680 -30.60 -0.12 1.49
CA GLN A 680 -31.14 1.20 1.21
C GLN A 680 -31.84 1.24 -0.14
N ILE A 681 -31.36 0.47 -1.13
CA ILE A 681 -32.02 0.42 -2.43
C ILE A 681 -33.40 -0.20 -2.32
N SER A 682 -33.49 -1.36 -1.63
CA SER A 682 -34.78 -2.02 -1.47
C SER A 682 -35.75 -1.13 -0.71
N LYS A 683 -35.24 -0.39 0.27
CA LYS A 683 -36.06 0.61 0.99
C LYS A 683 -36.62 1.60 -0.03
N ALA A 684 -35.73 2.20 -0.83
CA ALA A 684 -36.14 3.25 -1.77
C ALA A 684 -37.15 2.72 -2.77
N LEU A 685 -36.93 1.51 -3.29
CA LEU A 685 -37.85 0.93 -4.26
C LEU A 685 -39.22 0.69 -3.65
N VAL A 686 -39.26 0.24 -2.39
CA VAL A 686 -40.54 -0.05 -1.75
C VAL A 686 -41.31 1.23 -1.46
N ASP A 687 -40.61 2.29 -1.02
CA ASP A 687 -41.28 3.55 -0.72
C ASP A 687 -41.94 4.14 -1.96
N VAL A 688 -41.34 3.95 -3.14
CA VAL A 688 -41.93 4.44 -4.38
C VAL A 688 -42.84 3.39 -5.02
N GLY A 689 -43.04 2.26 -4.37
CA GLY A 689 -43.92 1.22 -4.90
C GLY A 689 -43.43 0.56 -6.16
N VAL A 690 -42.15 0.23 -6.23
CA VAL A 690 -41.57 -0.51 -7.35
C VAL A 690 -41.46 -1.96 -6.93
N ASP A 691 -42.06 -2.86 -7.71
CA ASP A 691 -41.85 -4.28 -7.49
C ASP A 691 -40.54 -4.72 -8.11
N PHE A 692 -39.87 -5.64 -7.43
CA PHE A 692 -38.56 -6.13 -7.84
C PHE A 692 -38.34 -7.47 -7.15
N GLN A 693 -37.20 -8.09 -7.44
CA GLN A 693 -36.83 -9.35 -6.82
C GLN A 693 -35.51 -9.19 -6.08
N ALA A 694 -35.43 -9.83 -4.92
CA ALA A 694 -34.26 -9.74 -4.06
C ALA A 694 -33.77 -11.14 -3.70
N MET A 695 -32.53 -11.20 -3.23
CA MET A 695 -31.97 -12.46 -2.74
C MET A 695 -30.78 -12.13 -1.85
N TRP A 696 -30.92 -12.39 -0.55
CA TRP A 696 -29.83 -12.25 0.38
C TRP A 696 -29.12 -13.59 0.54
N TYR A 697 -27.79 -13.54 0.69
CA TYR A 697 -26.99 -14.74 0.85
C TYR A 697 -26.37 -14.72 2.24
N THR A 698 -26.83 -15.64 3.08
CA THR A 698 -26.47 -15.62 4.50
C THR A 698 -24.97 -15.84 4.69
N ASP A 699 -24.36 -14.97 5.48
CA ASP A 699 -22.98 -15.10 5.92
C ASP A 699 -22.00 -15.10 4.75
N GLU A 700 -22.35 -14.45 3.66
CA GLU A 700 -21.52 -14.40 2.47
C GLU A 700 -20.78 -13.06 2.38
N ASP A 701 -19.59 -13.11 1.80
CA ASP A 701 -18.75 -11.93 1.66
C ASP A 701 -18.96 -11.28 0.30
N HIS A 702 -18.13 -10.30 -0.04
CA HIS A 702 -18.28 -9.53 -1.26
C HIS A 702 -18.27 -10.40 -2.52
N GLY A 703 -17.14 -11.03 -2.81
CA GLY A 703 -17.11 -11.94 -3.92
C GLY A 703 -17.51 -13.29 -3.37
N ILE A 704 -18.77 -13.68 -3.61
CA ILE A 704 -19.33 -14.88 -3.00
C ILE A 704 -18.47 -16.08 -3.40
N ALA A 705 -17.81 -16.68 -2.43
CA ALA A 705 -16.79 -17.68 -2.67
C ALA A 705 -17.14 -19.06 -2.13
N SER A 706 -18.16 -19.19 -1.29
CA SER A 706 -18.55 -20.50 -0.82
C SER A 706 -19.07 -21.31 -2.01
N SER A 707 -18.79 -22.60 -1.99
CA SER A 707 -19.13 -23.46 -3.13
C SER A 707 -20.63 -23.50 -3.36
N THR A 708 -21.40 -23.74 -2.30
CA THR A 708 -22.85 -23.89 -2.45
C THR A 708 -23.51 -22.59 -2.86
N ALA A 709 -23.01 -21.45 -2.35
CA ALA A 709 -23.63 -20.17 -2.68
C ALA A 709 -23.27 -19.72 -4.09
N HIS A 710 -22.04 -19.98 -4.51
CA HIS A 710 -21.64 -19.62 -5.88
C HIS A 710 -22.46 -20.39 -6.90
N GLN A 711 -22.70 -21.67 -6.65
CA GLN A 711 -23.58 -22.44 -7.53
C GLN A 711 -25.00 -21.91 -7.48
N HIS A 712 -25.50 -21.60 -6.27
CA HIS A 712 -26.88 -21.16 -6.14
C HIS A 712 -27.12 -19.82 -6.82
N ILE A 713 -26.19 -18.88 -6.69
CA ILE A 713 -26.40 -17.55 -7.26
C ILE A 713 -26.49 -17.64 -8.79
N TYR A 714 -25.51 -18.28 -9.42
CA TYR A 714 -25.49 -18.33 -10.88
C TYR A 714 -26.66 -19.15 -11.42
N THR A 715 -27.17 -20.10 -10.63
CA THR A 715 -28.40 -20.79 -11.00
C THR A 715 -29.58 -19.83 -10.93
N HIS A 716 -29.70 -19.09 -9.83
CA HIS A 716 -30.78 -18.12 -9.68
C HIS A 716 -30.74 -17.08 -10.78
N MET A 717 -29.55 -16.53 -11.07
CA MET A 717 -29.42 -15.50 -12.08
C MET A 717 -29.78 -16.03 -13.46
N SER A 718 -29.42 -17.28 -13.76
CA SER A 718 -29.76 -17.88 -15.04
C SER A 718 -31.27 -17.97 -15.21
N HIS A 719 -31.99 -18.34 -14.16
CA HIS A 719 -33.44 -18.39 -14.22
C HIS A 719 -34.03 -17.00 -14.46
N PHE A 720 -33.42 -15.97 -13.86
CA PHE A 720 -33.91 -14.60 -14.06
C PHE A 720 -33.74 -14.15 -15.50
N ILE A 721 -32.59 -14.47 -16.11
CA ILE A 721 -32.35 -14.04 -17.49
C ILE A 721 -33.24 -14.82 -18.45
N LYS A 722 -33.40 -16.13 -18.21
CA LYS A 722 -34.25 -16.93 -19.09
C LYS A 722 -35.72 -16.54 -18.97
N GLN A 723 -36.16 -16.19 -17.77
CA GLN A 723 -37.51 -15.65 -17.62
C GLN A 723 -37.65 -14.33 -18.36
N CYS A 724 -36.63 -13.47 -18.28
CA CYS A 724 -36.69 -12.15 -18.89
C CYS A 724 -36.63 -12.21 -20.41
N PHE A 725 -36.12 -13.30 -20.99
CA PHE A 725 -36.01 -13.44 -22.43
C PHE A 725 -37.04 -14.41 -23.01
N SER A 726 -37.97 -14.91 -22.19
CA SER A 726 -38.92 -15.94 -22.61
C SER A 726 -38.21 -17.17 -23.17
N LEU A 727 -37.03 -17.46 -22.66
CA LEU A 727 -36.21 -18.56 -23.13
C LEU A 727 -36.66 -19.89 -22.51
N PRO A 728 -36.42 -21.03 -23.19
CA PRO A 728 -37.09 -22.28 -22.82
C PRO A 728 -36.61 -22.88 -21.50
N SER B 14 27.75 42.64 49.10
CA SER B 14 27.35 42.70 47.70
C SER B 14 26.35 41.59 47.38
N LYS B 15 25.60 41.81 46.29
CA LYS B 15 24.61 40.83 45.87
C LYS B 15 25.28 39.50 45.55
N GLU B 16 24.65 38.41 45.97
CA GLU B 16 25.10 37.07 45.63
C GLU B 16 24.31 36.58 44.44
N CYS B 17 24.99 36.02 43.45
CA CYS B 17 24.33 35.56 42.23
C CYS B 17 23.28 34.52 42.57
N ASP B 18 22.02 34.84 42.27
CA ASP B 18 20.88 34.04 42.73
C ASP B 18 20.69 32.89 41.76
N PHE B 19 21.18 31.71 42.13
CA PHE B 19 21.01 30.49 41.36
C PHE B 19 19.75 29.72 41.72
N THR B 20 18.80 30.36 42.40
CA THR B 20 17.56 29.68 42.79
C THR B 20 16.74 29.18 41.61
N PRO B 21 16.50 29.97 40.54
CA PRO B 21 15.55 29.51 39.52
C PRO B 21 15.89 28.16 38.90
N MET B 22 17.16 27.78 38.91
CA MET B 22 17.57 26.48 38.39
C MET B 22 17.13 25.32 39.27
N LEU B 23 16.85 25.58 40.55
CA LEU B 23 16.74 24.53 41.56
C LEU B 23 15.31 24.28 42.03
N VAL B 24 14.32 24.95 41.46
CA VAL B 24 12.95 24.87 41.95
C VAL B 24 12.03 24.36 40.84
N GLY B 25 11.00 23.63 41.25
CA GLY B 25 9.93 23.24 40.35
C GLY B 25 10.38 22.29 39.25
N VAL B 26 9.69 22.38 38.12
CA VAL B 26 9.94 21.49 36.98
C VAL B 26 10.91 22.21 36.03
N PRO B 27 12.10 21.65 35.80
CA PRO B 27 13.05 22.34 34.93
C PRO B 27 12.60 22.28 33.49
N PRO B 28 12.98 23.27 32.67
CA PRO B 28 12.50 23.31 31.29
C PRO B 28 13.08 22.19 30.45
N GLN B 29 12.36 21.86 29.38
CA GLN B 29 12.85 20.91 28.39
C GLN B 29 14.00 21.55 27.61
N VAL B 30 14.78 20.69 26.94
CA VAL B 30 16.02 21.14 26.31
C VAL B 30 15.74 22.16 25.21
N TYR B 31 14.72 21.91 24.38
CA TYR B 31 14.42 22.83 23.29
C TYR B 31 13.81 24.13 23.78
N ASN B 32 13.34 24.18 25.03
CA ASN B 32 12.63 25.34 25.56
C ASN B 32 13.35 25.73 26.85
N PHE B 33 14.68 25.84 26.77
CA PHE B 33 15.49 26.09 27.94
C PHE B 33 15.34 27.52 28.44
N LYS B 34 15.91 27.78 29.62
CA LYS B 34 15.89 29.09 30.26
C LYS B 34 17.31 29.52 30.55
N ARG B 35 17.54 30.82 30.57
CA ARG B 35 18.89 31.34 30.80
C ARG B 35 18.88 32.46 31.83
N LEU B 36 20.00 32.59 32.52
CA LEU B 36 20.18 33.56 33.59
C LEU B 36 21.44 34.36 33.30
N VAL B 37 21.28 35.65 33.02
CA VAL B 37 22.42 36.55 32.91
C VAL B 37 22.71 37.10 34.29
N PHE B 38 23.89 36.79 34.81
CA PHE B 38 24.34 37.33 36.08
C PHE B 38 25.29 38.49 35.80
N THR B 39 24.81 39.69 36.07
CA THR B 39 25.58 40.92 35.95
C THR B 39 25.62 41.58 37.31
N ASN B 40 26.83 41.92 37.75
CA ASN B 40 27.05 42.62 39.02
C ASN B 40 26.53 41.80 40.21
N CYS B 41 27.17 40.65 40.42
CA CYS B 41 26.96 39.85 41.62
C CYS B 41 28.19 38.98 41.85
N ASN B 42 28.27 38.40 43.04
CA ASN B 42 29.32 37.47 43.40
C ASN B 42 28.76 36.05 43.53
N TYR B 43 29.59 35.06 43.18
CA TYR B 43 29.14 33.70 42.97
C TYR B 43 30.01 32.70 43.73
N ASN B 44 29.38 31.60 44.13
CA ASN B 44 30.07 30.39 44.57
C ASN B 44 29.59 29.24 43.68
N LEU B 45 30.40 28.91 42.67
CA LEU B 45 30.04 27.87 41.71
C LEU B 45 30.31 26.47 42.24
N THR B 46 31.37 26.29 43.04
CA THR B 46 31.63 25.01 43.66
C THR B 46 30.44 24.52 44.48
N LYS B 47 29.80 25.44 45.20
CA LYS B 47 28.58 25.12 45.93
C LYS B 47 27.47 24.68 44.98
N LEU B 48 27.32 25.38 43.85
CA LEU B 48 26.26 25.06 42.89
C LEU B 48 26.41 23.65 42.34
N LEU B 49 27.62 23.30 41.89
CA LEU B 49 27.84 22.01 41.26
C LEU B 49 27.77 20.87 42.28
N SER B 50 28.12 21.16 43.54
CA SER B 50 28.12 20.12 44.56
C SER B 50 26.71 19.74 45.01
N LEU B 51 25.70 20.57 44.72
CA LEU B 51 24.33 20.19 45.02
C LEU B 51 23.88 19.01 44.17
N PHE B 52 24.42 18.88 42.96
CA PHE B 52 24.16 17.75 42.09
C PHE B 52 25.31 16.76 42.19
N MET B 53 25.27 15.75 41.32
CA MET B 53 26.37 14.80 41.16
C MET B 53 26.75 14.82 39.68
N VAL B 54 27.87 15.47 39.37
CA VAL B 54 28.24 15.71 37.98
C VAL B 54 28.79 14.44 37.35
N ASN B 55 28.27 14.09 36.18
CA ASN B 55 28.83 13.00 35.38
C ASN B 55 29.65 13.52 34.20
N GLU B 56 29.49 14.78 33.83
CA GLU B 56 30.32 15.40 32.80
C GLU B 56 30.52 16.87 33.15
N PHE B 57 31.76 17.33 33.02
CA PHE B 57 32.13 18.74 33.21
C PHE B 57 33.16 19.04 32.14
N SER B 58 32.68 19.48 30.97
CA SER B 58 33.50 19.62 29.78
C SER B 58 33.51 21.09 29.36
N CYS B 59 34.68 21.71 29.42
CA CYS B 59 34.83 23.14 29.20
C CYS B 59 35.67 23.40 27.96
N ASN B 60 35.25 24.38 27.17
CA ASN B 60 35.88 24.70 25.88
C ASN B 60 36.22 26.18 25.87
N GLY B 61 37.51 26.49 25.96
CA GLY B 61 37.96 27.86 26.04
C GLY B 61 38.25 28.36 27.43
N ILE B 62 38.04 27.54 28.46
CA ILE B 62 38.46 27.80 29.83
C ILE B 62 38.66 26.45 30.51
N SER B 63 39.69 26.35 31.34
CA SER B 63 39.86 25.15 32.14
C SER B 63 38.76 25.09 33.20
N PRO B 64 38.12 23.93 33.39
CA PRO B 64 36.98 23.88 34.32
C PRO B 64 37.34 24.32 35.73
N ASP B 65 38.58 24.08 36.14
CA ASP B 65 39.06 24.58 37.42
C ASP B 65 38.91 26.10 37.51
N ALA B 66 39.31 26.81 36.46
CA ALA B 66 39.44 28.26 36.52
C ALA B 66 38.13 29.01 36.38
N ILE B 67 37.08 28.37 35.84
CA ILE B 67 35.83 29.11 35.67
C ILE B 67 35.19 29.43 37.01
N ALA B 68 35.44 28.62 38.03
CA ALA B 68 34.96 28.93 39.37
C ALA B 68 35.72 30.08 40.01
N ARG B 69 36.81 30.55 39.41
CA ARG B 69 37.69 31.53 40.00
C ARG B 69 37.71 32.87 39.29
N GLY B 70 37.33 32.92 38.02
CA GLY B 70 37.50 34.12 37.23
C GLY B 70 36.50 35.21 37.56
N CYS B 71 36.81 36.41 37.07
CA CYS B 71 35.96 37.58 37.20
C CYS B 71 35.46 37.97 35.81
N TYR B 72 34.15 38.06 35.66
CA TYR B 72 33.52 38.19 34.35
C TYR B 72 32.66 39.44 34.28
N SER B 73 32.61 40.04 33.09
CA SER B 73 31.68 41.15 32.87
C SER B 73 30.25 40.68 33.00
N SER B 74 29.96 39.46 32.53
CA SER B 74 28.63 38.88 32.66
C SER B 74 28.73 37.37 32.48
N LEU B 75 28.19 36.63 33.45
CA LEU B 75 28.12 35.18 33.37
C LEU B 75 26.70 34.77 33.02
N THR B 76 26.56 33.86 32.06
CA THR B 76 25.27 33.35 31.64
C THR B 76 25.23 31.84 31.85
N VAL B 77 24.06 31.32 32.20
CA VAL B 77 23.86 29.89 32.41
C VAL B 77 22.55 29.48 31.73
N ASP B 78 22.62 28.50 30.84
CA ASP B 78 21.44 27.85 30.29
C ASP B 78 21.19 26.56 31.04
N TYR B 79 19.97 26.38 31.54
CA TYR B 79 19.61 25.15 32.23
C TYR B 79 18.40 24.52 31.57
N PHE B 80 18.34 23.19 31.63
CA PHE B 80 17.29 22.39 31.01
C PHE B 80 17.47 20.95 31.47
N ALA B 81 16.42 20.16 31.28
CA ALA B 81 16.43 18.75 31.65
C ALA B 81 16.98 17.92 30.50
N TYR B 82 17.99 17.10 30.78
CA TYR B 82 18.70 16.38 29.74
C TYR B 82 19.17 15.02 30.24
N PRO B 83 18.79 13.93 29.61
CA PRO B 83 19.22 12.60 30.06
C PRO B 83 20.68 12.33 29.71
N LEU B 84 21.39 11.73 30.67
CA LEU B 84 22.76 11.27 30.41
C LEU B 84 22.78 10.21 29.32
N SER B 85 21.63 9.59 29.05
CA SER B 85 21.52 8.65 27.93
C SER B 85 21.98 9.27 26.62
N MET B 86 21.66 10.56 26.41
CA MET B 86 21.95 11.26 25.16
C MET B 86 23.15 12.19 25.28
N ARG B 87 24.19 11.77 26.01
CA ARG B 87 25.35 12.63 26.22
C ARG B 87 26.06 12.94 24.90
N SER B 88 26.17 11.95 24.01
CA SER B 88 26.98 12.11 22.80
C SER B 88 26.37 13.09 21.82
N TYR B 89 25.07 13.31 21.88
CA TYR B 89 24.39 14.19 20.94
C TYR B 89 24.60 15.66 21.27
N ILE B 90 25.11 15.97 22.46
CA ILE B 90 25.35 17.35 22.90
C ILE B 90 26.83 17.69 22.90
N GLN B 91 27.71 16.74 22.62
CA GLN B 91 29.13 17.04 22.56
C GLN B 91 29.42 18.00 21.39
N PRO B 92 30.42 18.84 21.53
CA PRO B 92 30.67 19.87 20.50
C PRO B 92 30.82 19.26 19.11
N GLY B 93 30.09 19.83 18.15
CA GLY B 93 30.12 19.33 16.79
C GLY B 93 29.34 18.05 16.55
N SER B 94 28.39 17.71 17.41
CA SER B 94 27.60 16.51 17.20
C SER B 94 26.51 16.76 16.17
N ALA B 95 26.00 15.66 15.60
CA ALA B 95 25.14 15.72 14.43
C ALA B 95 23.69 15.38 14.71
N GLY B 96 23.29 15.29 15.98
CA GLY B 96 21.95 14.83 16.29
C GLY B 96 20.88 15.86 16.00
N ASP B 97 19.63 15.37 15.98
CA ASP B 97 18.47 16.25 15.93
C ASP B 97 18.51 17.30 17.04
N ILE B 98 19.22 17.00 18.12
CA ILE B 98 19.23 17.84 19.31
C ILE B 98 20.03 19.11 19.07
N SER B 99 21.09 19.05 18.26
CA SER B 99 21.83 20.25 17.87
C SER B 99 21.26 20.94 16.65
N LEU B 100 20.41 20.24 15.88
CA LEU B 100 19.73 20.87 14.75
C LEU B 100 18.48 21.60 15.20
N TYR B 101 17.73 21.02 16.14
CA TYR B 101 16.38 21.46 16.42
C TYR B 101 16.12 21.85 17.87
N ASN B 102 17.02 21.52 18.80
CA ASN B 102 16.74 21.75 20.22
C ASN B 102 17.74 22.70 20.88
N TYR B 103 19.03 22.38 20.85
CA TYR B 103 20.03 23.19 21.53
C TYR B 103 21.38 22.97 20.89
N LYS B 104 22.14 24.07 20.73
CA LYS B 104 23.48 24.01 20.17
C LYS B 104 24.38 24.94 20.97
N GLN B 105 25.51 24.41 21.43
CA GLN B 105 26.40 25.18 22.29
C GLN B 105 27.10 26.27 21.49
N SER B 106 27.10 27.49 22.03
CA SER B 106 27.79 28.61 21.41
C SER B 106 29.19 28.72 21.98
N PHE B 107 30.18 28.83 21.09
CA PHE B 107 31.58 28.84 21.48
C PHE B 107 32.26 30.18 21.24
N ALA B 108 31.49 31.22 20.90
CA ALA B 108 32.07 32.54 20.70
C ALA B 108 32.73 33.05 21.96
N ASN B 109 32.13 32.77 23.11
CA ASN B 109 32.67 33.05 24.42
C ASN B 109 33.08 31.75 25.08
N PRO B 110 34.02 31.79 26.04
CA PRO B 110 34.40 30.56 26.74
C PRO B 110 33.20 29.98 27.47
N THR B 111 33.08 28.65 27.45
CA THR B 111 31.87 27.99 27.90
C THR B 111 32.21 26.68 28.59
N CYS B 112 31.26 26.19 29.38
CA CYS B 112 31.40 24.94 30.12
C CYS B 112 30.09 24.16 30.05
N ARG B 113 30.21 22.87 29.77
CA ARG B 113 29.06 21.97 29.66
C ARG B 113 29.05 21.07 30.88
N VAL B 114 27.92 21.07 31.61
CA VAL B 114 27.78 20.29 32.84
C VAL B 114 26.56 19.41 32.69
N LEU B 115 26.77 18.09 32.73
CA LEU B 115 25.68 17.11 32.73
C LEU B 115 25.67 16.44 34.10
N ALA B 116 24.57 16.58 34.82
CA ALA B 116 24.53 16.16 36.21
C ALA B 116 23.20 15.48 36.52
N THR B 117 23.26 14.55 37.47
CA THR B 117 22.08 13.90 38.05
C THR B 117 21.72 14.59 39.36
N ALA B 118 20.43 14.84 39.57
CA ALA B 118 19.99 15.52 40.78
C ALA B 118 19.56 14.51 41.84
N PRO B 119 19.93 14.75 43.10
CA PRO B 119 19.59 13.79 44.16
C PRO B 119 18.11 13.83 44.50
N ALA B 120 17.69 12.82 45.27
CA ALA B 120 16.30 12.77 45.75
C ALA B 120 15.99 13.95 46.66
N ASN B 121 16.91 14.28 47.56
CA ASN B 121 16.72 15.42 48.47
C ASN B 121 17.19 16.74 47.85
N LEU B 122 16.70 16.98 46.62
CA LEU B 122 16.82 18.27 45.96
C LEU B 122 15.42 18.74 45.61
N THR B 123 15.22 20.06 45.67
CA THR B 123 13.92 20.70 45.57
C THR B 123 13.35 20.74 44.15
N LEU B 124 13.97 20.07 43.18
CA LEU B 124 13.46 20.06 41.82
C LEU B 124 12.41 18.98 41.63
N THR B 125 11.38 19.29 40.84
CA THR B 125 10.34 18.34 40.48
C THR B 125 10.64 17.79 39.08
N LYS B 126 10.49 16.48 38.95
CA LYS B 126 10.77 15.82 37.67
C LYS B 126 9.59 16.01 36.72
N PRO B 127 9.82 16.53 35.52
CA PRO B 127 8.74 16.57 34.52
C PRO B 127 8.40 15.18 34.01
N SER B 128 7.23 15.10 33.37
CA SER B 128 6.63 13.82 33.03
C SER B 128 7.60 12.91 32.28
N ALA B 129 8.29 13.46 31.27
CA ALA B 129 9.28 12.71 30.52
C ALA B 129 10.21 13.70 29.83
N TYR B 130 11.26 13.17 29.20
CA TYR B 130 12.15 13.97 28.37
C TYR B 130 11.57 14.09 26.97
N GLY B 131 11.75 15.25 26.37
CA GLY B 131 11.26 15.49 25.02
C GLY B 131 12.28 16.28 24.22
N TYR B 132 12.22 16.10 22.91
CA TYR B 132 13.03 16.88 21.99
C TYR B 132 12.40 16.79 20.60
N PHE B 133 12.63 17.83 19.80
CA PHE B 133 12.08 17.87 18.45
C PHE B 133 12.99 17.10 17.50
N GLN B 134 12.42 16.10 16.83
CA GLN B 134 13.14 15.28 15.86
C GLN B 134 12.90 15.74 14.43
N LYS B 135 11.99 16.68 14.21
CA LYS B 135 11.82 17.32 12.91
C LYS B 135 11.24 18.71 13.12
N CYS B 136 11.79 19.69 12.39
CA CYS B 136 11.28 21.06 12.39
C CYS B 136 11.62 21.65 11.03
N SER B 137 10.62 21.73 10.15
CA SER B 137 10.81 22.24 8.81
C SER B 137 9.59 23.03 8.38
N ARG B 138 9.80 23.93 7.43
CA ARG B 138 8.79 24.88 6.97
C ARG B 138 8.35 24.53 5.56
N VAL B 139 7.04 24.55 5.33
CA VAL B 139 6.45 24.11 4.07
C VAL B 139 5.85 25.31 3.35
N SER B 140 6.30 25.54 2.12
CA SER B 140 5.78 26.58 1.25
C SER B 140 5.72 26.02 -0.16
N GLY B 141 5.55 26.91 -1.14
CA GLY B 141 5.51 26.53 -2.54
C GLY B 141 4.11 26.59 -3.11
N GLU B 142 4.02 26.21 -4.39
CA GLU B 142 2.75 26.32 -5.10
C GLU B 142 1.67 25.44 -4.48
N HIS B 143 2.01 24.18 -4.21
CA HIS B 143 1.07 23.22 -3.63
C HIS B 143 1.60 22.72 -2.28
N ASN B 144 2.17 23.64 -1.49
CA ASN B 144 2.89 23.29 -0.28
C ASN B 144 3.94 22.22 -0.58
N SER B 145 4.61 22.39 -1.72
CA SER B 145 5.54 21.40 -2.24
C SER B 145 6.96 21.56 -1.71
N VAL B 146 7.30 22.74 -1.21
CA VAL B 146 8.68 23.07 -0.86
C VAL B 146 8.85 22.89 0.65
N GLU B 147 9.69 21.93 1.04
CA GLU B 147 10.05 21.73 2.43
C GLU B 147 11.43 22.35 2.68
N THR B 148 11.54 23.09 3.79
CA THR B 148 12.76 23.81 4.13
C THR B 148 13.08 23.54 5.59
N PRO B 149 14.00 22.62 5.89
CA PRO B 149 14.35 22.34 7.28
C PRO B 149 14.86 23.58 8.00
N LEU B 150 14.58 23.65 9.30
CA LEU B 150 14.87 24.83 10.12
C LEU B 150 15.83 24.42 11.23
N TYR B 151 17.11 24.63 11.01
CA TYR B 151 18.13 24.37 12.02
C TYR B 151 18.42 25.62 12.83
N ILE B 152 18.79 25.42 14.09
CA ILE B 152 18.97 26.51 15.04
C ILE B 152 20.39 27.04 14.96
N ASN B 153 20.53 28.34 15.14
CA ASN B 153 21.84 28.94 15.32
C ASN B 153 22.31 28.72 16.75
N PRO B 154 23.62 28.63 16.97
CA PRO B 154 24.12 28.22 18.30
C PRO B 154 23.65 29.16 19.40
N GLY B 155 23.05 28.57 20.43
CA GLY B 155 22.56 29.32 21.57
C GLY B 155 21.21 29.97 21.38
N GLU B 156 20.55 29.76 20.26
CA GLU B 156 19.22 30.31 20.02
C GLU B 156 18.16 29.22 20.16
N TYR B 157 16.91 29.66 20.08
CA TYR B 157 15.75 28.80 20.31
C TYR B 157 15.17 28.31 18.99
N SER B 158 14.65 27.09 19.00
CA SER B 158 13.89 26.60 17.86
C SER B 158 12.53 27.30 17.79
N ILE B 159 12.06 27.52 16.56
CA ILE B 159 10.72 28.04 16.39
C ILE B 159 9.67 27.00 16.76
N CYS B 160 10.04 25.71 16.74
CA CYS B 160 9.11 24.65 17.08
C CYS B 160 8.76 24.60 18.55
N ARG B 161 9.53 25.27 19.42
CA ARG B 161 9.28 25.15 20.85
C ARG B 161 7.92 25.71 21.25
N SER B 162 7.34 26.57 20.41
CA SER B 162 6.01 27.10 20.71
C SER B 162 4.94 26.02 20.62
N PHE B 163 5.17 24.98 19.82
CA PHE B 163 4.15 23.95 19.63
C PHE B 163 3.77 23.28 20.95
N SER B 164 4.77 22.91 21.75
CA SER B 164 4.53 22.15 22.98
C SER B 164 5.69 22.41 23.93
N PRO B 165 5.65 23.54 24.65
CA PRO B 165 6.83 23.96 25.43
C PRO B 165 7.26 22.99 26.51
N TYR B 166 6.31 22.31 27.16
CA TYR B 166 6.60 21.61 28.40
C TYR B 166 6.94 20.14 28.23
N GLY B 167 6.72 19.57 27.05
CA GLY B 167 7.01 18.17 26.82
C GLY B 167 6.07 17.62 25.76
N PHE B 168 6.09 16.30 25.64
CA PHE B 168 5.27 15.59 24.67
C PHE B 168 4.43 14.53 25.37
N SER B 169 3.14 14.49 25.05
CA SER B 169 2.27 13.48 25.63
C SER B 169 2.71 12.08 25.22
N GLU B 170 3.11 11.91 23.96
CA GLU B 170 3.59 10.63 23.45
C GLU B 170 4.74 10.86 22.48
N ASP B 171 5.34 9.76 22.04
CA ASP B 171 6.40 9.82 21.05
C ASP B 171 5.82 9.96 19.64
N GLY B 172 6.43 10.82 18.85
CA GLY B 172 6.00 11.03 17.48
C GLY B 172 4.93 12.07 17.27
N GLU B 173 4.61 12.86 18.30
CA GLU B 173 3.64 13.94 18.18
C GLU B 173 3.96 14.82 16.98
N VAL B 174 2.97 15.02 16.11
CA VAL B 174 3.12 15.82 14.91
C VAL B 174 2.32 17.11 15.08
N PHE B 175 2.96 18.24 14.85
CA PHE B 175 2.34 19.56 15.02
C PHE B 175 2.43 20.34 13.71
N ARG B 176 1.50 21.28 13.55
CA ARG B 176 1.57 22.20 12.43
C ARG B 176 0.73 23.43 12.73
N ARG B 177 1.09 24.53 12.07
CA ARG B 177 0.40 25.81 12.16
C ARG B 177 0.94 26.68 11.03
N GLN B 178 0.18 27.72 10.69
CA GLN B 178 0.64 28.64 9.67
C GLN B 178 1.40 29.80 10.31
N LEU B 179 2.42 30.26 9.60
CA LEU B 179 3.31 31.31 10.08
C LEU B 179 2.80 32.66 9.61
N THR B 180 2.66 33.60 10.57
CA THR B 180 2.19 34.93 10.23
C THR B 180 3.15 35.59 9.25
N GLN B 181 2.66 36.62 8.57
CA GLN B 181 3.49 37.31 7.58
C GLN B 181 4.67 38.02 8.21
N TYR B 182 4.68 38.20 9.53
CA TYR B 182 5.90 38.61 10.22
C TYR B 182 6.91 37.46 10.26
N GLU B 183 6.42 36.23 10.45
CA GLU B 183 7.29 35.06 10.43
C GLU B 183 7.71 34.64 9.03
N GLY B 184 7.12 35.23 7.99
CA GLY B 184 7.54 34.95 6.63
C GLY B 184 6.73 33.85 5.94
N GLY B 185 5.43 33.82 6.19
CA GLY B 185 4.53 32.91 5.49
C GLY B 185 4.82 31.44 5.69
N GLY B 186 4.04 30.60 5.02
CA GLY B 186 4.28 29.17 5.03
C GLY B 186 3.60 28.45 6.19
N ILE B 187 3.78 27.13 6.21
CA ILE B 187 3.25 26.26 7.24
C ILE B 187 4.43 25.61 7.96
N LEU B 188 4.50 25.82 9.28
CA LEU B 188 5.53 25.20 10.11
C LEU B 188 5.06 23.82 10.54
N VAL B 189 5.95 22.83 10.43
CA VAL B 189 5.67 21.44 10.78
C VAL B 189 6.73 20.97 11.75
N GLY B 190 6.30 20.35 12.85
CA GLY B 190 7.23 19.83 13.83
C GLY B 190 6.83 18.44 14.29
N VAL B 191 7.84 17.64 14.58
CA VAL B 191 7.65 16.29 15.12
C VAL B 191 8.44 16.18 16.41
N GLY B 192 7.85 15.54 17.41
CA GLY B 192 8.49 15.45 18.71
C GLY B 192 8.76 14.04 19.19
N ALA B 193 10.01 13.77 19.54
CA ALA B 193 10.39 12.50 20.14
C ALA B 193 10.26 12.60 21.66
N LYS B 194 9.66 11.58 22.25
CA LYS B 194 9.49 11.50 23.70
C LYS B 194 10.33 10.34 24.22
N LEU B 195 11.30 10.65 25.08
CA LEU B 195 12.12 9.65 25.72
C LEU B 195 11.64 9.45 27.16
N ALA B 196 11.56 8.19 27.56
CA ALA B 196 11.09 7.87 28.89
C ALA B 196 12.02 8.43 29.95
N MET B 197 11.44 8.78 31.10
CA MET B 197 12.20 9.43 32.14
C MET B 197 12.95 8.36 32.93
N THR B 198 13.73 8.78 33.92
CA THR B 198 14.72 7.94 34.58
C THR B 198 14.48 7.91 36.10
N ASP B 199 15.42 7.28 36.81
CA ASP B 199 15.30 7.07 38.25
C ASP B 199 15.47 8.38 39.00
N LYS B 200 16.58 9.08 38.76
CA LYS B 200 16.81 10.40 39.31
C LYS B 200 16.86 11.41 38.16
N LEU B 201 16.47 12.65 38.47
CA LEU B 201 16.42 13.68 37.44
C LEU B 201 17.81 13.96 36.89
N GLU B 202 17.91 13.97 35.57
CA GLU B 202 19.16 14.25 34.86
C GLU B 202 19.06 15.61 34.19
N MET B 203 20.06 16.44 34.39
CA MET B 203 19.98 17.87 34.09
C MET B 203 21.20 18.31 33.29
N GLY B 204 21.04 19.40 32.56
CA GLY B 204 22.13 19.95 31.76
C GLY B 204 22.31 21.43 32.01
N PHE B 205 23.58 21.84 32.10
CA PHE B 205 23.94 23.23 32.36
C PHE B 205 25.01 23.67 31.37
N ILE B 206 24.80 24.83 30.74
CA ILE B 206 25.77 25.44 29.85
C ILE B 206 26.11 26.81 30.44
N ILE B 207 27.35 26.96 30.90
CA ILE B 207 27.80 28.16 31.59
C ILE B 207 28.72 28.94 30.65
N SER B 208 28.30 30.14 30.27
CA SER B 208 29.09 31.03 29.43
C SER B 208 29.54 32.23 30.25
N VAL B 209 30.72 32.75 29.90
CA VAL B 209 31.30 33.90 30.59
C VAL B 209 31.77 34.90 29.54
N GLN B 210 32.02 36.14 30.01
CA GLN B 210 32.47 37.20 29.12
C GLN B 210 33.44 38.10 29.87
N TYR B 211 34.24 38.83 29.10
CA TYR B 211 35.24 39.75 29.63
C TYR B 211 35.14 41.08 28.89
N GLY B 212 35.43 42.17 29.58
CA GLY B 212 35.24 43.48 28.97
C GLY B 212 34.80 44.60 29.89
N THR B 213 33.71 45.29 29.54
CA THR B 213 33.18 46.39 30.32
C THR B 213 32.96 45.98 31.76
N ASP B 214 33.75 46.56 32.67
CA ASP B 214 33.72 46.21 34.09
C ASP B 214 33.88 44.69 34.27
N THR B 215 35.08 44.22 33.89
CA THR B 215 35.41 42.81 33.98
C THR B 215 35.18 42.25 35.39
N ASN B 216 35.14 43.10 36.40
CA ASN B 216 34.99 42.68 37.80
C ASN B 216 33.53 42.55 38.24
N SER B 217 32.57 42.73 37.33
CA SER B 217 31.17 42.76 37.72
C SER B 217 30.76 41.46 38.42
N VAL B 218 31.25 40.33 37.95
CA VAL B 218 30.87 39.02 38.49
C VAL B 218 32.15 38.33 38.93
N CYS B 219 32.40 38.29 40.23
CA CYS B 219 33.59 37.73 40.83
C CYS B 219 33.24 36.66 41.84
N PRO B 220 34.17 35.74 42.14
CA PRO B 220 33.85 34.65 43.08
C PRO B 220 33.71 35.09 44.52
N MET B 221 33.49 34.12 45.41
CA MET B 221 33.49 34.31 46.85
C MET B 221 34.60 33.45 47.45
C1 NAG C . 21.25 -31.75 -15.11
C2 NAG C . 21.43 -31.57 -13.61
C3 NAG C . 22.76 -30.87 -13.31
C4 NAG C . 23.92 -31.61 -13.97
C5 NAG C . 23.64 -31.85 -15.46
C6 NAG C . 24.65 -32.76 -16.11
C7 NAG C . 19.23 -31.41 -12.51
C8 NAG C . 18.20 -30.49 -11.93
N2 NAG C . 20.32 -30.83 -13.02
O3 NAG C . 22.94 -30.81 -11.90
O4 NAG C . 25.12 -30.86 -13.85
O5 NAG C . 22.35 -32.48 -15.64
O6 NAG C . 24.80 -32.60 -17.52
O7 NAG C . 19.08 -32.63 -12.53
C1 NAG C . 26.00 -31.38 -12.82
C2 NAG C . 27.47 -31.10 -13.18
C3 NAG C . 28.39 -31.54 -12.04
C4 NAG C . 27.97 -30.93 -10.71
C5 NAG C . 26.50 -31.25 -10.44
C6 NAG C . 25.98 -30.58 -9.19
C7 NAG C . 27.89 -31.16 -15.59
C8 NAG C . 28.27 -32.02 -16.77
N2 NAG C . 27.84 -31.78 -14.41
O3 NAG C . 29.73 -31.15 -12.32
O4 NAG C . 28.72 -31.50 -9.65
O5 NAG C . 25.69 -30.79 -11.54
O6 NAG C . 26.02 -31.48 -8.09
O7 NAG C . 27.69 -29.95 -15.70
C1 BMA C . 29.83 -30.69 -9.21
C2 BMA C . 29.59 -30.32 -7.71
C3 BMA C . 30.84 -29.63 -7.11
C4 BMA C . 32.13 -30.36 -7.47
C5 BMA C . 32.21 -30.60 -8.99
C6 BMA C . 33.45 -31.38 -9.38
O2 BMA C . 29.33 -31.47 -6.91
O3 BMA C . 30.73 -29.51 -5.69
O4 BMA C . 33.25 -29.59 -7.05
O5 BMA C . 31.07 -31.38 -9.38
O6 BMA C . 33.38 -31.66 -10.76
C1 FUC C . 23.82 -31.76 -18.17
C2 FUC C . 24.55 -30.97 -19.30
C3 FUC C . 24.83 -31.85 -20.56
C4 FUC C . 23.61 -32.70 -20.95
C5 FUC C . 23.06 -33.44 -19.74
C6 FUC C . 21.79 -34.21 -20.03
O2 FUC C . 25.77 -30.40 -18.84
O3 FUC C . 25.14 -31.00 -21.66
O4 FUC C . 22.60 -31.87 -21.52
O5 FUC C . 22.74 -32.52 -18.68
C1 NAG D . -1.31 -24.63 18.82
C2 NAG D . -0.25 -24.99 19.88
C3 NAG D . -0.26 -26.50 20.18
C4 NAG D . -1.67 -27.02 20.41
C5 NAG D . -2.57 -26.59 19.26
C6 NAG D . -4.02 -27.01 19.43
C7 NAG D . 1.77 -23.57 19.96
C8 NAG D . 3.11 -23.32 19.38
N2 NAG D . 1.08 -24.59 19.44
O3 NAG D . 0.53 -26.73 21.34
O4 NAG D . -1.66 -28.43 20.48
O5 NAG D . -2.56 -25.17 19.19
O6 NAG D . -4.39 -27.03 20.80
O7 NAG D . 1.32 -22.89 20.88
C1 NAG D . -1.87 -28.81 21.86
C2 NAG D . -2.42 -30.22 21.87
C3 NAG D . -2.67 -30.66 23.32
C4 NAG D . -1.39 -30.52 24.13
C5 NAG D . -0.78 -29.12 23.99
C6 NAG D . 0.60 -29.01 24.59
C7 NAG D . -3.71 -31.08 19.98
C8 NAG D . -5.03 -31.09 19.27
N2 NAG D . -3.64 -30.33 21.08
O3 NAG D . -3.12 -32.00 23.33
O4 NAG D . -1.69 -30.75 25.50
O5 NAG D . -0.66 -28.76 22.60
O6 NAG D . 0.68 -28.00 25.57
O7 NAG D . -2.75 -31.72 19.57
C1 BMA D . -0.88 -31.80 26.05
C2 BMA D . -1.39 -31.98 27.46
C3 BMA D . -0.57 -33.03 28.19
C4 BMA D . -0.33 -34.32 27.33
C5 BMA D . -0.13 -34.04 25.80
C6 BMA D . -0.40 -35.27 24.94
O2 BMA D . -2.72 -32.49 27.42
O3 BMA D . -1.29 -33.37 29.36
O4 BMA D . 0.81 -35.01 27.82
O5 BMA D . -1.01 -33.01 25.35
O6 BMA D . -1.76 -35.21 24.49
C1 MAN D . -0.47 -33.76 30.47
C2 MAN D . -1.30 -34.80 31.17
C3 MAN D . -2.64 -34.16 31.44
C4 MAN D . -2.48 -32.96 32.39
C5 MAN D . -1.36 -31.99 31.95
C6 MAN D . -0.82 -31.18 33.13
O2 MAN D . -0.76 -35.14 32.45
O3 MAN D . -3.58 -35.10 31.98
O4 MAN D . -3.71 -32.24 32.44
O5 MAN D . -0.20 -32.69 31.35
O6 MAN D . -0.57 -29.84 32.71
C1 MAN D . -2.13 -36.46 23.87
C2 MAN D . -2.25 -36.23 22.34
C3 MAN D . -3.50 -35.41 22.01
C4 MAN D . -4.75 -36.02 22.66
C5 MAN D . -4.54 -36.18 24.18
C6 MAN D . -5.69 -36.91 24.85
O2 MAN D . -2.41 -37.46 21.64
O3 MAN D . -3.71 -35.29 20.60
O4 MAN D . -5.88 -35.17 22.44
O5 MAN D . -3.35 -36.96 24.42
O6 MAN D . -6.21 -36.09 25.89
C1 FUC D . -5.69 -26.43 20.93
C2 FUC D . -6.25 -26.83 22.31
C3 FUC D . -5.48 -26.12 23.42
C4 FUC D . -5.49 -24.61 23.20
C5 FUC D . -4.92 -24.31 21.82
C6 FUC D . -5.00 -22.83 21.44
O2 FUC D . -6.25 -28.24 22.51
O3 FUC D . -6.08 -26.38 24.69
O4 FUC D . -6.82 -24.13 23.29
O5 FUC D . -5.63 -25.03 20.78
C1 NAG E . 24.20 -6.99 4.18
C2 NAG E . 25.55 -7.60 4.51
C3 NAG E . 26.20 -6.87 5.69
C4 NAG E . 26.21 -5.37 5.46
C5 NAG E . 24.85 -4.86 5.00
C6 NAG E . 24.87 -3.42 4.56
C7 NAG E . 25.38 -9.95 3.83
C8 NAG E . 25.27 -11.37 4.30
N2 NAG E . 25.44 -9.03 4.79
O3 NAG E . 27.52 -7.35 5.88
O4 NAG E . 26.54 -4.72 6.70
O5 NAG E . 24.36 -5.62 3.88
O6 NAG E . 23.56 -2.96 4.26
O7 NAG E . 25.40 -9.67 2.64
C1 NAG E . 27.84 -4.08 6.71
C2 NAG E . 28.08 -3.49 8.11
C3 NAG E . 29.47 -2.84 8.17
C4 NAG E . 30.56 -3.78 7.68
C5 NAG E . 30.18 -4.40 6.33
C6 NAG E . 31.13 -5.49 5.88
C7 NAG E . 25.81 -2.84 8.82
C8 NAG E . 24.90 -1.70 9.15
N2 NAG E . 27.06 -2.51 8.45
O3 NAG E . 29.74 -2.47 9.52
O4 NAG E . 31.72 -2.99 7.48
O5 NAG E . 28.87 -5.00 6.40
O6 NAG E . 31.57 -5.28 4.55
O7 NAG E . 25.45 -4.01 8.88
C1 BMA E . 32.96 -3.38 8.12
C2 BMA E . 34.00 -2.70 7.23
C3 BMA E . 35.41 -2.62 7.84
C4 BMA E . 35.42 -2.46 9.37
C5 BMA E . 34.31 -3.25 10.10
C6 BMA E . 34.21 -2.86 11.58
O2 BMA E . 33.61 -1.35 6.97
O3 BMA E . 36.11 -1.52 7.25
O4 BMA E . 36.69 -2.89 9.88
O5 BMA E . 33.04 -2.97 9.47
O6 BMA E . 33.10 -3.53 12.17
C1 MAN E . 37.35 -1.91 6.65
C2 MAN E . 38.47 -1.09 7.35
C3 MAN E . 38.37 0.38 6.95
C4 MAN E . 38.39 0.52 5.42
C5 MAN E . 37.24 -0.30 4.82
C6 MAN E . 37.28 -0.29 3.28
O2 MAN E . 39.76 -1.52 6.95
O3 MAN E . 39.41 1.15 7.54
O4 MAN E . 38.25 1.88 5.06
O5 MAN E . 37.34 -1.69 5.25
O6 MAN E . 36.22 -1.12 2.81
C1 MAN E . 32.66 -2.85 13.37
C2 MAN E . 31.11 -2.72 13.27
C3 MAN E . 30.66 -1.32 13.64
C4 MAN E . 31.34 -0.87 14.94
C5 MAN E . 32.87 -0.81 14.73
C6 MAN E . 33.65 -1.35 15.93
O2 MAN E . 30.46 -3.61 14.19
O3 MAN E . 29.24 -1.24 13.78
O4 MAN E . 30.87 0.42 15.31
O5 MAN E . 33.27 -1.58 13.55
O6 MAN E . 34.80 -0.53 16.12
C1 NAG F . -3.17 6.28 18.21
C2 NAG F . -2.08 6.82 19.16
C3 NAG F . -2.69 7.68 20.27
C4 NAG F . -3.69 8.69 19.76
C5 NAG F . -4.70 8.01 18.83
C6 NAG F . -5.67 8.97 18.19
C7 NAG F . -0.25 5.16 19.15
C8 NAG F . 0.38 4.04 19.91
N2 NAG F . -1.32 5.72 19.73
O3 NAG F . -1.64 8.36 20.95
O4 NAG F . -4.42 9.19 20.87
O5 NAG F . -3.99 7.36 17.78
O6 NAG F . -5.07 9.70 17.13
O7 NAG F . 0.16 5.54 18.07
C1 NAG F . -4.15 10.57 21.17
C2 NAG F . -5.24 11.00 22.15
C3 NAG F . -5.06 12.47 22.51
C4 NAG F . -3.65 12.72 23.03
C5 NAG F . -2.60 12.16 22.08
C6 NAG F . -1.19 12.20 22.66
C7 NAG F . -7.27 9.65 21.89
C8 NAG F . -8.63 9.56 21.25
N2 NAG F . -6.56 10.76 21.61
O3 NAG F . -6.01 12.83 23.50
O4 NAG F . -3.45 14.12 23.18
O5 NAG F . -2.86 10.78 21.76
O6 NAG F . -0.28 11.45 21.87
O7 NAG F . -6.83 8.77 22.62
C1 BMA F . -3.26 14.50 24.55
C2 BMA F . -2.83 15.99 24.54
C3 BMA F . -2.68 16.49 25.97
C4 BMA F . -3.94 16.21 26.79
C5 BMA F . -4.26 14.71 26.73
C6 BMA F . -5.52 14.35 27.51
O2 BMA F . -3.84 16.79 23.93
O3 BMA F . -2.34 17.87 26.01
O4 BMA F . -3.73 16.60 28.13
O5 BMA F . -4.44 14.32 25.35
O6 BMA F . -6.45 13.76 26.62
C1 MAN F . -1.02 17.92 26.56
C2 MAN F . -0.79 19.30 27.22
C3 MAN F . -0.80 20.37 26.13
C4 MAN F . 0.23 20.06 25.05
C5 MAN F . 0.00 18.64 24.47
C6 MAN F . 1.11 18.20 23.54
O2 MAN F . 0.52 19.36 27.80
O3 MAN F . -0.58 21.67 26.67
O4 MAN F . 0.14 21.01 23.99
O5 MAN F . -0.05 17.68 25.55
O6 MAN F . 1.84 17.16 24.20
C1 MAN F . 0.50 19.05 29.21
C2 MAN F . 1.81 19.58 29.78
C3 MAN F . 3.00 18.79 29.22
C4 MAN F . 2.81 17.25 29.17
C5 MAN F . 1.35 16.80 28.88
C6 MAN F . 1.09 15.40 29.42
O2 MAN F . 1.86 19.48 31.22
O3 MAN F . 4.19 19.04 29.95
O4 MAN F . 3.65 16.72 28.15
O5 MAN F . 0.37 17.67 29.47
O6 MAN F . 0.11 14.76 28.61
C1 MAN F . 2.12 20.81 31.74
C2 MAN F . 1.83 20.80 33.32
C3 MAN F . 0.80 21.85 33.83
C4 MAN F . 0.52 22.94 32.81
C5 MAN F . 0.15 22.26 31.52
C6 MAN F . -0.47 23.18 30.49
O2 MAN F . 3.02 21.04 34.07
O3 MAN F . 1.20 22.43 35.07
O4 MAN F . -0.56 23.76 33.25
O5 MAN F . 1.37 21.78 30.98
O6 MAN F . -0.76 22.40 29.33
C1 MAN F . -7.40 13.02 27.41
C2 MAN F . -7.30 11.50 27.01
C3 MAN F . -8.22 11.12 25.81
C4 MAN F . -9.54 11.88 25.82
C5 MAN F . -9.25 13.37 25.94
C6 MAN F . -10.47 14.25 25.83
O2 MAN F . -7.68 10.64 28.09
O3 MAN F . -8.45 9.71 25.77
O4 MAN F . -10.24 11.65 24.60
O5 MAN F . -8.71 13.57 27.24
O6 MAN F . -10.19 15.21 24.80
C1 MAN F . -9.99 16.54 25.32
C2 MAN F . -8.81 17.20 24.46
C3 MAN F . -7.54 17.48 25.26
C4 MAN F . -7.90 18.01 26.63
C5 MAN F . -8.52 16.87 27.39
C6 MAN F . -8.79 17.20 28.85
O2 MAN F . -9.21 18.45 23.90
O3 MAN F . -6.70 18.41 24.59
O4 MAN F . -6.72 18.43 27.31
O5 MAN F . -9.81 16.56 26.79
O6 MAN F . -7.88 16.46 29.66
C1 NAG G . 10.70 -4.54 27.07
C2 NAG G . 11.01 -4.52 28.57
C3 NAG G . 9.82 -5.05 29.37
C4 NAG G . 8.54 -4.30 28.99
C5 NAG G . 8.34 -4.35 27.48
C6 NAG G . 7.15 -3.54 27.01
C7 NAG G . 13.42 -4.77 29.01
C8 NAG G . 14.52 -5.74 29.33
N2 NAG G . 12.20 -5.31 28.88
O3 NAG G . 10.05 -4.90 30.76
O4 NAG G . 7.41 -4.92 29.59
O5 NAG G . 9.50 -3.82 26.83
O6 NAG G . 7.02 -2.35 27.79
O7 NAG G . 13.62 -3.57 28.90
C1 NAG G . 6.76 -4.05 30.51
C2 NAG G . 5.35 -4.60 30.78
C3 NAG G . 4.67 -3.83 31.91
C4 NAG G . 5.57 -3.76 33.13
C5 NAG G . 6.88 -3.10 32.72
C6 NAG G . 7.86 -2.95 33.85
C7 NAG G . 4.31 -5.65 28.81
C8 NAG G . 3.45 -5.42 27.60
N2 NAG G . 4.55 -4.58 29.57
O3 NAG G . 3.44 -4.48 32.23
O4 NAG G . 4.95 -3.05 34.19
O5 NAG G . 7.50 -3.93 31.73
O6 NAG G . 8.08 -4.20 34.52
O7 NAG G . 4.77 -6.75 29.08
C1 BMA G . 4.57 -4.07 35.15
C2 BMA G . 4.92 -3.59 36.58
C3 BMA G . 4.44 -4.64 37.60
C4 BMA G . 2.97 -5.08 37.34
C5 BMA G . 2.77 -5.45 35.85
C6 BMA G . 1.33 -5.77 35.49
O2 BMA G . 4.25 -2.37 36.89
O3 BMA G . 4.57 -4.18 38.94
O4 BMA G . 2.64 -6.19 38.15
O5 BMA G . 3.18 -4.34 35.05
O6 BMA G . 1.13 -5.42 34.12
C1 MAN G . 0.17 -6.35 33.54
C2 MAN G . 1.01 -7.56 32.91
C3 MAN G . 1.08 -7.57 31.35
C4 MAN G . -0.11 -6.87 30.69
C5 MAN G . -0.24 -5.49 31.29
C6 MAN G . -1.26 -4.63 30.56
O2 MAN G . 0.48 -8.82 33.29
O3 MAN G . 1.18 -8.91 30.85
O4 MAN G . 0.12 -6.76 29.29
O5 MAN G . -0.70 -5.67 32.63
O6 MAN G . -1.01 -3.27 30.86
C1 FUC G . 6.54 -1.29 26.93
C2 FUC G . 6.26 -0.07 27.85
C3 FUC G . 7.57 0.57 28.34
C4 FUC G . 8.51 0.86 27.17
C5 FUC G . 8.74 -0.42 26.37
C6 FUC G . 9.58 -0.20 25.12
O2 FUC G . 5.43 -0.41 28.95
O3 FUC G . 7.29 1.80 28.99
O4 FUC G . 7.93 1.86 26.33
O5 FUC G . 7.50 -0.99 25.92
C1 NAG H . -6.10 18.36 -6.33
C2 NAG H . -5.35 19.63 -6.76
C3 NAG H . -6.03 20.88 -6.20
C4 NAG H . -7.52 20.90 -6.55
C5 NAG H . -8.16 19.59 -6.06
C6 NAG H . -9.62 19.48 -6.42
C7 NAG H . -2.94 19.29 -7.15
C8 NAG H . -1.58 19.28 -6.52
N2 NAG H . -3.96 19.57 -6.33
O3 NAG H . -5.39 22.04 -6.73
O4 NAG H . -8.15 21.98 -5.89
O5 NAG H . -7.49 18.48 -6.67
O6 NAG H . -9.80 19.23 -7.81
O7 NAG H . -3.11 19.06 -8.34
C1 NAG H . -8.86 22.90 -6.74
C2 NAG H . -9.83 23.69 -5.83
C3 NAG H . -10.46 24.90 -6.55
C4 NAG H . -9.43 25.70 -7.33
C5 NAG H . -8.71 24.75 -8.26
C6 NAG H . -7.69 25.42 -9.15
C7 NAG H . -10.90 22.30 -4.10
C8 NAG H . -12.07 21.42 -3.78
N2 NAG H . -10.88 22.82 -5.34
O3 NAG H . -11.08 25.74 -5.57
O4 NAG H . -10.07 26.73 -8.06
O5 NAG H . -8.00 23.81 -7.44
O6 NAG H . -6.59 25.93 -8.42
O7 NAG H . -10.02 22.53 -3.29
C1 BMA H . -9.82 28.02 -7.45
C2 BMA H . -9.74 29.07 -8.56
C3 BMA H . -9.37 30.44 -7.98
C4 BMA H . -10.10 30.78 -6.64
C5 BMA H . -10.52 29.56 -5.75
C6 BMA H . -11.74 29.92 -4.88
O2 BMA H . -11.01 29.23 -9.19
O3 BMA H . -9.64 31.48 -8.92
O4 BMA H . -9.26 31.64 -5.86
O5 BMA H . -10.85 28.41 -6.55
O6 BMA H . -12.31 28.74 -4.31
C1 MAN H . -8.42 31.94 -9.53
C2 MAN H . -8.35 33.49 -9.35
C3 MAN H . -9.26 34.23 -10.36
C4 MAN H . -9.06 33.68 -11.77
C5 MAN H . -9.33 32.19 -11.77
C6 MAN H . -9.21 31.56 -13.15
O2 MAN H . -7.03 33.99 -9.58
O3 MAN H . -9.04 35.64 -10.33
O4 MAN H . -9.96 34.33 -12.67
O5 MAN H . -8.37 31.55 -10.90
O6 MAN H . -10.24 30.59 -13.29
C1 MAN H . -12.19 28.82 -2.87
C2 MAN H . -11.61 27.46 -2.38
C3 MAN H . -12.71 26.39 -2.36
C4 MAN H . -13.92 26.87 -1.56
C5 MAN H . -14.48 28.15 -2.20
C6 MAN H . -15.62 28.73 -1.39
O2 MAN H . -11.13 27.55 -1.04
O3 MAN H . -12.22 25.16 -1.82
O4 MAN H . -14.92 25.86 -1.57
O5 MAN H . -13.43 29.16 -2.23
O6 MAN H . -16.80 28.66 -2.18
C1 NAG I . 31.60 27.76 48.46
C2 NAG I . 32.34 28.05 49.75
C3 NAG I . 33.30 26.89 50.06
C4 NAG I . 32.52 25.59 50.14
C5 NAG I . 31.62 25.39 48.91
C6 NAG I . 30.64 24.26 49.09
C7 NAG I . 32.53 30.47 50.08
C8 NAG I . 33.42 31.67 49.99
N2 NAG I . 33.07 29.31 49.69
O3 NAG I . 33.98 27.14 51.28
O4 NAG I . 33.44 24.51 50.20
O5 NAG I . 30.84 26.55 48.61
O6 NAG I . 30.81 23.23 48.12
O7 NAG I . 31.38 30.54 50.48
C1 NAG I . 33.46 23.84 51.48
C2 NAG I . 34.09 22.46 51.28
C3 NAG I . 34.22 21.72 52.61
C4 NAG I . 34.94 22.57 53.64
C5 NAG I . 34.26 23.94 53.75
C6 NAG I . 34.98 24.89 54.67
C7 NAG I . 33.77 21.39 49.09
C8 NAG I . 32.83 20.56 48.24
N2 NAG I . 33.33 21.67 50.32
O3 NAG I . 34.92 20.50 52.41
O4 NAG I . 34.88 21.95 54.91
O5 NAG I . 34.21 24.57 52.46
O6 NAG I . 35.18 26.16 54.07
O7 NAG I . 34.85 21.77 48.68
C1 BMA I . 36.11 21.28 55.29
C2 BMA I . 36.70 22.07 56.49
C3 BMA I . 37.56 21.23 57.48
C4 BMA I . 37.40 19.68 57.40
C5 BMA I . 36.93 19.17 56.04
C6 BMA I . 36.45 17.73 56.15
O2 BMA I . 35.66 22.67 57.26
O3 BMA I . 37.24 21.59 58.83
O4 BMA I . 38.63 19.06 57.74
O5 BMA I . 35.82 19.94 55.62
O6 BMA I . 36.79 17.01 54.98
C1 NAG J . -19.56 13.80 -27.62
C2 NAG J . -19.84 13.18 -26.25
C3 NAG J . -21.23 13.59 -25.77
C4 NAG J . -21.40 15.10 -25.80
C5 NAG J . -21.05 15.63 -27.19
C6 NAG J . -21.07 17.14 -27.25
C7 NAG J . -18.60 11.08 -25.96
C8 NAG J . -18.65 9.59 -26.06
N2 NAG J . -19.72 11.73 -26.29
O3 NAG J . -21.44 13.10 -24.44
O4 NAG J . -22.74 15.45 -25.48
O5 NAG J . -19.72 15.23 -27.55
O6 NAG J . -20.51 17.72 -26.09
O7 NAG J . -17.59 11.68 -25.59
C1 NAG K . -29.15 16.92 -9.62
C2 NAG K . -28.61 18.25 -10.14
C3 NAG K . -29.76 19.15 -10.61
C4 NAG K . -30.72 18.40 -11.53
C5 NAG K . -31.12 17.09 -10.87
C6 NAG K . -32.10 16.31 -11.72
C7 NAG K . -26.72 19.63 -9.40
C8 NAG K . -25.95 20.13 -8.21
N2 NAG K . -27.83 18.95 -9.13
O3 NAG K . -29.21 20.31 -11.25
O4 NAG K . -31.95 19.11 -11.72
O5 NAG K . -29.96 16.31 -10.60
O6 NAG K . -32.09 16.89 -13.02
O7 NAG K . -26.33 19.83 -10.54
C1 NAG L . 20.55 15.07 51.30
C2 NAG L . 21.54 15.81 52.20
C3 NAG L . 22.68 14.86 52.59
C4 NAG L . 22.08 13.63 53.28
C5 NAG L . 21.06 12.97 52.35
C6 NAG L . 20.41 11.78 53.05
C7 NAG L . 21.43 18.13 51.45
C8 NAG L . 21.99 19.30 50.70
N2 NAG L . 22.09 16.96 51.47
O3 NAG L . 23.56 15.52 53.49
O4 NAG L . 23.11 12.70 53.59
O5 NAG L . 20.06 13.91 51.99
O6 NAG L . 19.56 11.09 52.14
O7 NAG L . 20.37 18.23 52.04
#